data_2XAN
#
_entry.id   2XAN
#
_cell.length_a   57.418
_cell.length_b   113.429
_cell.length_c   140.472
_cell.angle_alpha   90.00
_cell.angle_beta   90.00
_cell.angle_gamma   90.00
#
_symmetry.space_group_name_H-M   'P 21 21 21'
#
loop_
_entity.id
_entity.type
_entity.pdbx_description
1 polymer 'INOSITOL-PENTAKISPHOSPHATE 2-KINASE'
2 non-polymer MYO-INOSITOL-(1,3,4,5,6)-PENTAKISPHOSPHATE
3 non-polymer 'PHOSPHOAMINOPHOSPHONIC ACID-ADENYLATE ESTER'
4 non-polymer 'ZINC ION'
5 non-polymer 'MAGNESIUM ION'
6 water water
#
_entity_poly.entity_id   1
_entity_poly.type   'polypeptide(L)'
_entity_poly.pdbx_seq_one_letter_code
;MEMILEEKDASDWIYRGEGGANLVLAYAGSSPLFVGKVIRIQKARRNDKAIKNSNGVVSVLTSDEQHLWRENNELISSPN
KEVLEQRYVQNVIIPLLGPKHVDAGVRVSVSKEFLECVDKKVTKQRPLWRVNAANVDTSHDSALILNDHSLFSQGITSGG
DCISVEIKPKCGFLPTSRFIGKENMLKTSVSRFKMHQLLKLEYIEISEESEYDPLDLFSGSKERVLEAIKALYSTPQNNF
RVFLNGSLILGGSGESTGRTSPEIGYAFEDALKGFIQSEDGHRTECFLQLVSDAVYGSGVLDRLLEIQKLDKLDIEGAIH
CYYDIINQPCPICKEGRPLEAELSLHALPLDESLKIVKEYLIAATAKDCSIMISFQSRNAWDSEPSGDYVSLKPTNQTFD
YKVHFIDLSLKPLKRMESYYKLDKKIISFYNRKQKAENTAEQIGNSKPSHS
;
_entity_poly.pdbx_strand_id   A,B
#
# COMPACT_ATOMS: atom_id res chain seq x y z
N MET A 3 -3.43 27.86 31.73
CA MET A 3 -3.77 26.41 31.80
C MET A 3 -4.55 25.96 30.58
N ILE A 4 -5.40 26.83 30.04
CA ILE A 4 -6.17 26.52 28.84
C ILE A 4 -5.84 27.48 27.70
N LEU A 5 -5.55 26.93 26.51
CA LEU A 5 -5.36 27.74 25.32
C LEU A 5 -6.69 28.02 24.64
N GLU A 6 -7.05 29.28 24.55
CA GLU A 6 -8.33 29.65 23.94
C GLU A 6 -8.11 30.19 22.54
N GLU A 7 -9.22 30.46 21.84
CA GLU A 7 -9.19 30.85 20.43
C GLU A 7 -8.13 31.90 20.10
N LYS A 8 -8.16 33.01 20.83
CA LYS A 8 -7.37 34.18 20.51
C LYS A 8 -5.88 33.99 20.81
N ASP A 9 -5.56 32.94 21.57
CA ASP A 9 -4.17 32.60 21.86
C ASP A 9 -3.54 32.07 20.59
N ALA A 10 -4.39 31.63 19.67
CA ALA A 10 -3.96 30.95 18.46
C ALA A 10 -2.99 31.78 17.65
N SER A 11 -3.15 33.11 17.68
CA SER A 11 -2.33 33.97 16.85
C SER A 11 -0.87 34.10 17.32
N ASP A 12 -0.58 33.65 18.53
CA ASP A 12 0.79 33.71 19.06
C ASP A 12 1.63 32.46 18.73
N TRP A 13 1.03 31.50 18.02
CA TRP A 13 1.72 30.29 17.61
C TRP A 13 1.89 30.24 16.09
N ILE A 14 3.08 29.87 15.65
CA ILE A 14 3.38 29.87 14.23
C ILE A 14 3.92 28.52 13.78
N TYR A 15 3.58 28.13 12.56
CA TYR A 15 4.00 26.86 12.01
C TYR A 15 5.49 26.66 12.25
N ARG A 16 5.85 25.46 12.69
CA ARG A 16 7.25 25.05 12.80
C ARG A 16 7.48 23.84 11.90
N GLY A 17 6.52 22.92 11.88
CA GLY A 17 6.66 21.75 11.03
C GLY A 17 5.72 20.63 11.45
N GLU A 18 5.90 19.47 10.82
CA GLU A 18 5.06 18.33 11.13
C GLU A 18 5.66 17.03 10.59
N GLY A 19 5.30 15.93 11.23
CA GLY A 19 5.63 14.59 10.74
C GLY A 19 4.33 13.94 10.33
N GLY A 20 4.32 12.60 10.28
CA GLY A 20 3.11 11.89 9.91
C GLY A 20 2.07 11.94 11.03
N ALA A 21 2.50 12.32 12.23
CA ALA A 21 1.65 12.17 13.42
C ALA A 21 1.24 13.48 14.09
N ASN A 22 2.19 14.42 14.19
CA ASN A 22 1.91 15.67 14.92
C ASN A 22 2.18 16.95 14.13
N LEU A 23 1.41 17.97 14.45
CA LEU A 23 1.64 19.31 13.96
C LEU A 23 2.40 20.09 15.06
N VAL A 24 3.54 20.66 14.73
CA VAL A 24 4.31 21.40 15.73
C VAL A 24 4.33 22.89 15.42
N LEU A 25 3.93 23.70 16.41
CA LEU A 25 4.00 25.16 16.30
C LEU A 25 4.96 25.75 17.33
N ALA A 26 5.64 26.83 16.95
CA ALA A 26 6.56 27.50 17.86
C ALA A 26 5.89 28.74 18.42
N TYR A 27 6.19 29.05 19.68
CA TYR A 27 5.59 30.21 20.33
C TYR A 27 6.27 31.48 19.88
N ALA A 28 5.47 32.48 19.51
CA ALA A 28 6.02 33.77 19.10
C ALA A 28 5.54 34.90 20.00
N GLY A 29 4.87 34.56 21.10
CA GLY A 29 4.30 35.56 22.01
C GLY A 29 5.21 36.00 23.14
N SER A 30 4.60 36.53 24.20
CA SER A 30 5.34 37.08 25.34
C SER A 30 5.09 36.32 26.64
N SER A 31 4.06 35.49 26.68
CA SER A 31 3.72 34.81 27.92
C SER A 31 4.90 34.00 28.42
N PRO A 32 5.34 34.28 29.66
CA PRO A 32 6.44 33.53 30.26
C PRO A 32 6.15 32.04 30.30
N LEU A 33 4.88 31.67 30.13
CA LEU A 33 4.51 30.26 30.13
C LEU A 33 4.98 29.55 28.87
N PHE A 34 5.06 30.28 27.76
CA PHE A 34 5.31 29.63 26.47
C PHE A 34 6.57 30.08 25.74
N VAL A 35 7.15 31.17 26.19
CA VAL A 35 8.40 31.64 25.62
C VAL A 35 9.40 30.48 25.59
N GLY A 36 9.92 30.17 24.41
CA GLY A 36 10.94 29.12 24.29
C GLY A 36 10.36 27.72 24.19
N LYS A 37 9.06 27.62 23.95
CA LYS A 37 8.41 26.31 23.78
C LYS A 37 7.82 26.13 22.38
N VAL A 38 7.59 24.88 22.01
CA VAL A 38 6.73 24.54 20.89
C VAL A 38 5.49 23.85 21.45
N ILE A 39 4.42 23.82 20.66
CA ILE A 39 3.28 22.99 20.99
C ILE A 39 3.20 21.85 19.97
N ARG A 40 2.95 20.64 20.46
CA ARG A 40 2.90 19.47 19.59
C ARG A 40 1.50 18.93 19.64
N ILE A 41 0.84 18.89 18.48
CA ILE A 41 -0.58 18.56 18.42
C ILE A 41 -0.83 17.36 17.53
N GLN A 42 -1.47 16.35 18.11
CA GLN A 42 -1.75 15.11 17.39
C GLN A 42 -2.74 15.32 16.26
N LYS A 43 -2.48 14.69 15.12
CA LYS A 43 -3.38 14.76 13.98
C LYS A 43 -4.32 13.55 13.97
N ALA A 44 -5.50 13.72 13.38
CA ALA A 44 -6.36 12.58 13.12
C ALA A 44 -6.12 12.16 11.69
N ARG A 45 -5.77 10.89 11.49
CA ARG A 45 -5.60 10.35 10.15
C ARG A 45 -6.94 9.91 9.58
N SER A 59 -10.18 2.39 25.03
CA SER A 59 -10.21 3.28 23.88
C SER A 59 -8.84 3.87 23.54
N VAL A 60 -8.07 4.23 24.56
CA VAL A 60 -6.74 4.79 24.33
C VAL A 60 -5.69 3.71 24.04
N LEU A 61 -6.03 2.47 24.39
CA LEU A 61 -5.20 1.32 24.08
C LEU A 61 -6.09 0.12 23.79
N THR A 62 -5.83 -0.58 22.70
CA THR A 62 -6.62 -1.77 22.42
C THR A 62 -6.40 -2.75 23.56
N SER A 63 -7.22 -3.78 23.61
CA SER A 63 -7.06 -4.81 24.60
C SER A 63 -5.73 -5.54 24.40
N ASP A 64 -5.37 -5.75 23.14
CA ASP A 64 -4.11 -6.40 22.85
C ASP A 64 -2.95 -5.53 23.33
N GLU A 65 -3.12 -4.21 23.26
CA GLU A 65 -2.08 -3.31 23.70
C GLU A 65 -1.90 -3.31 25.23
N GLN A 66 -3.01 -3.40 25.96
CA GLN A 66 -2.94 -3.42 27.42
C GLN A 66 -2.21 -4.68 27.86
N HIS A 67 -2.41 -5.76 27.13
CA HIS A 67 -1.65 -6.98 27.33
C HIS A 67 -0.16 -6.70 27.10
N LEU A 68 0.16 -6.06 25.98
CA LEU A 68 1.53 -5.77 25.61
C LEU A 68 2.26 -4.88 26.63
N TRP A 69 1.57 -3.87 27.14
CA TRP A 69 2.19 -2.90 28.03
C TRP A 69 1.83 -3.16 29.49
N ARG A 70 1.50 -4.42 29.79
CA ARG A 70 1.05 -4.82 31.11
C ARG A 70 2.03 -4.41 32.21
N GLU A 71 3.32 -4.55 31.94
CA GLU A 71 4.36 -4.22 32.91
C GLU A 71 4.39 -2.74 33.29
N ASN A 72 3.73 -1.89 32.51
CA ASN A 72 3.77 -0.44 32.73
C ASN A 72 2.39 0.13 33.01
N ASN A 73 1.84 -0.19 34.17
CA ASN A 73 0.45 0.16 34.44
C ASN A 73 0.10 1.63 34.22
N GLU A 74 0.87 2.53 34.84
CA GLU A 74 0.64 3.96 34.68
C GLU A 74 0.54 4.30 33.19
N LEU A 75 0.89 3.33 32.36
CA LEU A 75 0.80 3.53 30.92
C LEU A 75 -0.58 3.07 30.42
N ILE A 76 -1.03 1.94 30.93
CA ILE A 76 -2.30 1.37 30.50
C ILE A 76 -3.50 2.13 31.06
N SER A 77 -3.27 2.91 32.10
CA SER A 77 -4.33 3.69 32.70
C SER A 77 -4.24 5.16 32.31
N SER A 78 -3.57 5.44 31.19
CA SER A 78 -3.51 6.80 30.65
C SER A 78 -4.88 7.18 30.09
N PRO A 79 -5.44 8.30 30.57
CA PRO A 79 -6.81 8.69 30.24
C PRO A 79 -6.96 9.18 28.81
N ASN A 80 -5.88 9.72 28.24
CA ASN A 80 -5.88 10.16 26.84
C ASN A 80 -4.57 9.79 26.14
N LYS A 81 -4.49 10.08 24.84
CA LYS A 81 -3.31 9.73 24.06
C LYS A 81 -2.09 10.58 24.39
N GLU A 82 -2.33 11.84 24.71
CA GLU A 82 -1.26 12.76 25.11
C GLU A 82 -0.56 12.31 26.39
N VAL A 83 -1.35 11.95 27.41
CA VAL A 83 -0.78 11.38 28.65
C VAL A 83 -0.05 10.07 28.35
N LEU A 84 -0.64 9.26 27.48
CA LEU A 84 0.01 8.02 27.04
C LEU A 84 1.44 8.27 26.55
N GLU A 85 1.59 9.09 25.51
CA GLU A 85 2.91 9.40 24.98
C GLU A 85 3.81 9.92 26.09
N GLN A 86 3.27 10.85 26.87
CA GLN A 86 4.00 11.48 27.97
C GLN A 86 4.57 10.44 28.93
N ARG A 87 3.74 9.50 29.36
CA ARG A 87 4.19 8.44 30.25
C ARG A 87 5.07 7.43 29.54
N TYR A 88 4.78 7.16 28.27
CA TYR A 88 5.63 6.26 27.47
C TYR A 88 7.08 6.76 27.49
N VAL A 89 7.26 8.04 27.18
CA VAL A 89 8.60 8.63 27.16
C VAL A 89 9.25 8.64 28.53
N GLN A 90 8.49 9.01 29.55
CA GLN A 90 9.02 9.12 30.90
C GLN A 90 9.39 7.75 31.45
N ASN A 91 8.54 6.76 31.18
CA ASN A 91 8.65 5.47 31.86
C ASN A 91 9.33 4.37 31.07
N VAL A 92 9.37 4.50 29.74
CA VAL A 92 9.97 3.46 28.92
C VAL A 92 11.21 3.94 28.18
N ILE A 93 11.14 5.15 27.62
CA ILE A 93 12.26 5.68 26.84
C ILE A 93 13.35 6.29 27.72
N ILE A 94 12.95 7.15 28.64
CA ILE A 94 13.90 7.69 29.61
C ILE A 94 14.82 6.61 30.17
N PRO A 95 14.25 5.68 30.95
CA PRO A 95 15.04 4.65 31.58
C PRO A 95 16.07 4.08 30.62
N LEU A 96 15.96 4.44 29.35
CA LEU A 96 16.70 3.72 28.32
C LEU A 96 17.73 4.63 27.66
N LEU A 97 17.49 5.93 27.68
CA LEU A 97 18.36 6.91 27.05
C LEU A 97 18.85 7.94 28.07
N GLY A 98 18.56 7.70 29.34
CA GLY A 98 18.81 8.70 30.36
C GLY A 98 17.91 9.89 30.09
N PRO A 99 17.74 10.77 31.09
CA PRO A 99 16.86 11.95 31.03
C PRO A 99 17.64 13.19 30.61
N LYS A 100 18.93 13.04 30.37
CA LYS A 100 19.76 14.18 30.02
C LYS A 100 19.36 14.72 28.66
N HIS A 101 19.16 13.81 27.70
CA HIS A 101 18.88 14.21 26.33
C HIS A 101 17.41 14.06 25.93
N VAL A 102 16.51 14.05 26.91
CA VAL A 102 15.09 13.81 26.59
C VAL A 102 14.13 14.62 27.45
N ASP A 103 13.07 15.13 26.82
CA ASP A 103 12.00 15.86 27.50
C ASP A 103 10.65 15.21 27.21
N ALA A 104 9.96 14.78 28.26
CA ALA A 104 8.66 14.13 28.10
C ALA A 104 7.55 15.12 27.74
N GLY A 105 7.73 16.36 28.16
CA GLY A 105 6.77 17.42 27.88
C GLY A 105 5.72 17.62 28.98
N VAL A 106 5.10 18.79 28.97
CA VAL A 106 4.02 19.11 29.90
C VAL A 106 2.72 19.24 29.13
N ARG A 107 1.68 18.52 29.55
CA ARG A 107 0.39 18.64 28.90
C ARG A 107 -0.23 19.99 29.18
N VAL A 108 -1.09 20.44 28.28
CA VAL A 108 -1.77 21.72 28.46
C VAL A 108 -3.14 21.67 27.81
N SER A 109 -4.15 22.16 28.52
CA SER A 109 -5.50 22.15 28.02
C SER A 109 -5.63 23.06 26.81
N VAL A 110 -6.30 22.56 25.78
CA VAL A 110 -6.62 23.35 24.61
C VAL A 110 -8.11 23.22 24.37
N SER A 111 -8.73 24.26 23.83
CA SER A 111 -10.15 24.19 23.53
C SER A 111 -10.35 23.89 22.05
N LYS A 112 -11.52 23.37 21.71
CA LYS A 112 -11.81 23.02 20.33
C LYS A 112 -11.55 24.19 19.40
N GLU A 113 -11.99 25.40 19.80
CA GLU A 113 -11.85 26.58 18.94
C GLU A 113 -10.39 27.00 18.76
N PHE A 114 -9.57 26.75 19.78
CA PHE A 114 -8.14 27.01 19.68
C PHE A 114 -7.57 26.09 18.62
N LEU A 115 -7.75 24.79 18.82
CA LEU A 115 -7.31 23.78 17.86
C LEU A 115 -7.79 24.14 16.46
N GLU A 116 -9.10 24.33 16.33
CA GLU A 116 -9.72 24.70 15.06
C GLU A 116 -9.04 25.92 14.47
N CYS A 117 -8.80 26.92 15.29
CA CYS A 117 -8.15 28.15 14.85
C CYS A 117 -6.70 27.94 14.38
N VAL A 118 -5.96 27.11 15.09
CA VAL A 118 -4.60 26.76 14.69
C VAL A 118 -4.60 26.03 13.35
N ASP A 119 -5.43 24.99 13.24
CA ASP A 119 -5.55 24.24 12.01
C ASP A 119 -5.66 25.20 10.83
N LYS A 120 -6.63 26.11 10.91
CA LYS A 120 -6.86 27.07 9.84
C LYS A 120 -5.66 27.98 9.58
N LYS A 121 -5.21 28.67 10.63
CA LYS A 121 -4.11 29.62 10.50
C LYS A 121 -2.89 29.07 9.76
N VAL A 122 -2.56 27.80 9.98
CA VAL A 122 -1.32 27.25 9.42
C VAL A 122 -1.53 26.48 8.12
N THR A 123 -2.80 26.25 7.77
CA THR A 123 -3.13 25.40 6.63
C THR A 123 -2.33 25.75 5.37
N LYS A 124 -2.12 27.04 5.15
CA LYS A 124 -1.49 27.50 3.93
C LYS A 124 0.01 27.26 3.91
N GLN A 125 0.60 27.03 5.08
CA GLN A 125 2.03 26.82 5.16
C GLN A 125 2.39 25.34 5.15
N ARG A 126 1.36 24.50 5.11
CA ARG A 126 1.55 23.04 5.09
C ARG A 126 1.68 22.48 3.67
N PRO A 127 2.45 21.39 3.52
CA PRO A 127 2.45 20.72 2.24
C PRO A 127 1.04 20.23 1.95
N LEU A 128 0.61 20.36 0.70
CA LEU A 128 -0.73 19.98 0.31
C LEU A 128 -1.01 18.52 0.66
N TRP A 129 -0.05 17.66 0.40
CA TRP A 129 -0.24 16.24 0.64
C TRP A 129 -0.41 15.92 2.13
N ARG A 130 0.25 16.69 2.99
CA ARG A 130 0.08 16.52 4.42
C ARG A 130 -1.34 16.89 4.82
N VAL A 131 -1.85 17.97 4.25
CA VAL A 131 -3.22 18.40 4.51
C VAL A 131 -4.23 17.37 4.01
N ASN A 132 -3.93 16.72 2.89
CA ASN A 132 -4.80 15.66 2.38
C ASN A 132 -4.88 14.50 3.36
N ALA A 133 -3.73 14.16 3.94
CA ALA A 133 -3.60 12.92 4.71
C ALA A 133 -4.22 13.00 6.11
N ALA A 134 -4.22 14.19 6.70
CA ALA A 134 -4.64 14.31 8.08
C ALA A 134 -4.74 15.76 8.58
N ASN A 135 -5.45 15.92 9.68
CA ASN A 135 -5.55 17.23 10.31
C ASN A 135 -5.49 17.12 11.82
N VAL A 136 -5.52 18.28 12.49
CA VAL A 136 -5.49 18.28 13.93
C VAL A 136 -6.73 17.58 14.46
N ASP A 137 -6.53 16.62 15.35
CA ASP A 137 -7.66 15.99 16.01
C ASP A 137 -8.26 17.03 16.96
N THR A 138 -9.34 17.68 16.51
CA THR A 138 -9.93 18.76 17.29
C THR A 138 -10.82 18.24 18.42
N SER A 139 -10.68 16.96 18.76
CA SER A 139 -11.48 16.36 19.82
C SER A 139 -10.62 16.02 21.03
N HIS A 140 -9.30 16.10 20.89
CA HIS A 140 -8.44 15.99 22.06
C HIS A 140 -8.59 17.27 22.87
N ASP A 141 -8.61 17.14 24.20
CA ASP A 141 -8.78 18.30 25.07
C ASP A 141 -7.42 18.78 25.57
N SER A 142 -6.37 18.10 25.13
CA SER A 142 -5.03 18.39 25.62
C SER A 142 -4.01 18.38 24.47
N ALA A 143 -2.86 18.99 24.71
CA ALA A 143 -1.75 18.98 23.77
C ALA A 143 -0.43 18.97 24.53
N LEU A 144 0.67 18.77 23.83
CA LEU A 144 1.96 18.68 24.47
C LEU A 144 2.77 19.96 24.29
N ILE A 145 3.32 20.45 25.38
CA ILE A 145 4.23 21.57 25.32
C ILE A 145 5.64 21.08 25.60
N LEU A 146 6.55 21.43 24.71
CA LEU A 146 7.93 20.96 24.78
C LEU A 146 8.89 22.13 24.76
N ASN A 147 10.03 21.98 25.40
CA ASN A 147 11.09 22.95 25.24
C ASN A 147 11.53 22.97 23.77
N ASP A 148 11.70 24.18 23.24
CA ASP A 148 12.09 24.37 21.85
C ASP A 148 13.60 24.25 21.72
N HIS A 149 14.06 23.15 21.13
CA HIS A 149 15.50 22.88 21.12
C HIS A 149 16.29 23.71 20.12
N SER A 150 15.57 24.54 19.37
CA SER A 150 16.22 25.52 18.52
C SER A 150 16.70 26.67 19.40
N LEU A 151 16.21 26.71 20.65
CA LEU A 151 16.71 27.67 21.64
C LEU A 151 17.73 26.99 22.54
N PHE A 152 18.95 27.51 22.56
CA PHE A 152 20.03 26.85 23.28
C PHE A 152 19.69 26.48 24.73
N SER A 153 19.23 27.44 25.51
CA SER A 153 18.87 27.16 26.90
C SER A 153 17.53 27.81 27.30
N GLN A 154 16.81 27.16 28.20
CA GLN A 154 15.47 27.61 28.58
C GLN A 154 15.57 28.79 29.56
N GLY A 155 14.84 29.87 29.28
CA GLY A 155 14.78 30.99 30.22
C GLY A 155 15.56 32.22 29.79
N SER A 158 20.41 33.42 27.55
CA SER A 158 20.95 33.59 26.20
C SER A 158 22.47 33.66 26.16
N GLY A 159 23.03 33.39 24.99
CA GLY A 159 24.45 33.49 24.74
C GLY A 159 24.61 33.85 23.29
N GLY A 160 23.68 34.67 22.80
CA GLY A 160 23.68 35.06 21.41
C GLY A 160 22.89 34.08 20.56
N ASP A 161 23.14 34.10 19.26
CA ASP A 161 22.41 33.28 18.32
C ASP A 161 22.55 31.79 18.60
N CYS A 162 21.58 31.02 18.12
CA CYS A 162 21.65 29.55 18.20
C CYS A 162 21.39 28.90 16.85
N ILE A 163 22.39 28.17 16.35
CA ILE A 163 22.20 27.33 15.19
C ILE A 163 21.83 25.93 15.68
N SER A 164 20.70 25.42 15.18
CA SER A 164 20.16 24.15 15.63
C SER A 164 20.05 23.19 14.47
N VAL A 165 20.51 21.96 14.66
CA VAL A 165 20.57 20.99 13.58
C VAL A 165 19.75 19.73 13.93
N GLU A 166 18.80 19.39 13.06
CA GLU A 166 17.93 18.26 13.29
C GLU A 166 18.25 17.13 12.33
N ILE A 167 18.50 15.95 12.88
CA ILE A 167 18.83 14.79 12.06
C ILE A 167 17.86 13.67 12.38
N LYS A 168 17.21 13.15 11.34
CA LYS A 168 16.36 11.99 11.50
C LYS A 168 17.14 10.82 10.93
N PRO A 169 17.85 10.10 11.81
CA PRO A 169 18.93 9.21 11.37
C PRO A 169 18.48 7.92 10.70
N LYS A 170 17.25 7.50 10.98
CA LYS A 170 16.71 6.22 10.54
C LYS A 170 17.53 5.02 11.05
N CYS A 171 17.26 3.82 10.56
CA CYS A 171 17.91 2.64 11.13
C CYS A 171 19.37 2.47 10.70
N GLY A 172 20.27 2.37 11.67
CA GLY A 172 21.71 2.35 11.39
C GLY A 172 22.39 1.00 11.49
N PHE A 173 21.64 -0.09 11.38
CA PHE A 173 22.27 -1.40 11.38
C PHE A 173 21.59 -2.38 10.41
N LEU A 174 22.24 -3.52 10.21
CA LEU A 174 21.79 -4.51 9.24
C LEU A 174 21.24 -5.73 9.97
N PRO A 175 20.03 -6.17 9.59
CA PRO A 175 19.49 -7.34 10.23
C PRO A 175 20.38 -8.52 9.95
N THR A 176 20.48 -9.42 10.90
CA THR A 176 21.32 -10.59 10.72
C THR A 176 20.53 -11.83 11.11
N SER A 177 19.21 -11.72 11.06
CA SER A 177 18.30 -12.73 11.61
C SER A 177 18.33 -14.13 10.97
N ARG A 178 18.07 -15.14 11.80
CA ARG A 178 17.81 -16.51 11.36
C ARG A 178 16.56 -16.56 10.51
N PHE A 179 15.69 -15.56 10.68
CA PHE A 179 14.32 -15.64 10.18
C PHE A 179 14.09 -14.85 8.90
N ILE A 180 15.18 -14.37 8.33
CA ILE A 180 15.11 -13.70 7.03
C ILE A 180 15.01 -14.75 5.93
N GLY A 181 13.97 -14.63 5.11
CA GLY A 181 13.71 -15.63 4.08
C GLY A 181 14.80 -15.78 3.04
N LYS A 182 14.84 -16.94 2.41
CA LYS A 182 15.84 -17.25 1.39
C LYS A 182 15.90 -16.26 0.23
N GLU A 183 14.76 -15.71 -0.17
CA GLU A 183 14.75 -14.79 -1.31
C GLU A 183 15.06 -13.35 -0.90
N ASN A 184 15.20 -13.12 0.41
CA ASN A 184 15.34 -11.78 0.95
C ASN A 184 16.69 -11.50 1.59
N MET A 185 17.72 -12.27 1.23
CA MET A 185 18.99 -12.17 1.93
C MET A 185 19.74 -10.87 1.64
N LEU A 186 19.29 -10.14 0.63
CA LEU A 186 19.89 -8.86 0.32
C LEU A 186 19.71 -7.91 1.51
N LYS A 187 18.64 -8.11 2.27
CA LYS A 187 18.40 -7.30 3.48
C LYS A 187 19.58 -7.40 4.45
N THR A 188 20.32 -8.49 4.31
CA THR A 188 21.48 -8.76 5.15
C THR A 188 22.68 -7.86 4.82
N SER A 189 22.69 -7.30 3.62
CA SER A 189 23.85 -6.53 3.16
C SER A 189 23.52 -5.11 2.74
N VAL A 190 22.25 -4.83 2.49
CA VAL A 190 21.84 -3.52 2.00
C VAL A 190 20.88 -2.84 2.96
N SER A 191 21.21 -1.63 3.37
CA SER A 191 20.38 -0.95 4.35
C SER A 191 18.93 -0.86 3.89
N ARG A 192 18.03 -0.98 4.84
CA ARG A 192 16.63 -0.71 4.62
C ARG A 192 16.40 0.71 4.05
N PHE A 193 17.10 1.70 4.59
CA PHE A 193 16.96 3.06 4.10
C PHE A 193 17.30 3.15 2.62
N LYS A 194 18.37 2.46 2.20
CA LYS A 194 18.78 2.49 0.81
C LYS A 194 17.79 1.77 -0.12
N MET A 195 17.24 0.65 0.36
CA MET A 195 16.25 -0.08 -0.41
C MET A 195 14.94 0.70 -0.47
N HIS A 196 14.59 1.33 0.65
CA HIS A 196 13.34 2.10 0.67
C HIS A 196 13.39 3.27 -0.31
N GLN A 197 14.58 3.85 -0.48
CA GLN A 197 14.75 4.97 -1.39
C GLN A 197 14.30 4.64 -2.81
N LEU A 198 14.62 3.42 -3.25
CA LEU A 198 14.22 2.96 -4.59
C LEU A 198 12.71 2.90 -4.73
N LEU A 199 12.02 2.45 -3.68
CA LEU A 199 10.56 2.37 -3.69
C LEU A 199 9.93 3.76 -3.70
N LYS A 200 10.43 4.64 -2.84
CA LYS A 200 9.91 6.00 -2.75
C LYS A 200 9.99 6.69 -4.11
N LEU A 201 11.12 6.52 -4.79
CA LEU A 201 11.31 7.10 -6.12
C LEU A 201 10.24 6.50 -7.01
N GLU A 202 10.09 5.19 -6.94
CA GLU A 202 9.10 4.48 -7.74
C GLU A 202 7.69 5.01 -7.48
N TYR A 203 7.43 5.38 -6.23
CA TYR A 203 6.12 5.90 -5.84
C TYR A 203 6.02 7.42 -5.90
N ILE A 204 7.02 8.05 -6.51
CA ILE A 204 7.01 9.48 -6.74
C ILE A 204 6.85 10.24 -5.42
N GLU A 205 7.43 9.68 -4.36
CA GLU A 205 7.47 10.36 -3.08
C GLU A 205 8.74 11.22 -2.95
N ILE A 206 9.74 10.92 -3.76
CA ILE A 206 10.95 11.74 -3.85
C ILE A 206 11.31 11.84 -5.31
N SER A 207 12.18 12.80 -5.65
CA SER A 207 12.58 13.03 -7.05
C SER A 207 13.94 12.41 -7.36
N GLU A 208 14.78 12.28 -6.34
CA GLU A 208 16.04 11.60 -6.52
C GLU A 208 16.43 10.84 -5.26
N GLU A 209 17.12 9.73 -5.45
CA GLU A 209 17.63 8.92 -4.36
C GLU A 209 18.59 9.75 -3.51
N SER A 210 18.45 9.64 -2.19
CA SER A 210 19.32 10.32 -1.23
C SER A 210 20.75 9.76 -1.24
N GLU A 211 21.72 10.63 -0.97
CA GLU A 211 23.12 10.21 -0.87
C GLU A 211 23.47 9.73 0.53
N TYR A 212 22.57 9.95 1.47
CA TYR A 212 22.79 9.57 2.86
C TYR A 212 22.76 8.05 3.08
N ASP A 213 23.73 7.55 3.83
CA ASP A 213 23.76 6.15 4.22
C ASP A 213 23.84 6.07 5.75
N PRO A 214 22.76 5.60 6.39
CA PRO A 214 22.70 5.54 7.86
C PRO A 214 23.84 4.74 8.49
N LEU A 215 24.34 3.74 7.76
CA LEU A 215 25.46 2.93 8.24
C LEU A 215 26.72 3.78 8.47
N ASP A 216 26.93 4.77 7.61
CA ASP A 216 28.03 5.72 7.79
C ASP A 216 27.87 6.48 9.10
N LEU A 217 26.70 7.10 9.25
CA LEU A 217 26.45 7.97 10.40
C LEU A 217 26.58 7.24 11.74
N PHE A 218 26.15 5.98 11.79
CA PHE A 218 26.19 5.18 13.01
C PHE A 218 27.48 4.34 13.15
N SER A 219 28.40 4.47 12.20
CA SER A 219 29.60 3.64 12.14
C SER A 219 30.56 3.76 13.33
N GLY A 220 30.60 4.92 13.97
CA GLY A 220 31.58 5.17 15.01
C GLY A 220 32.91 5.58 14.42
N SER A 221 32.91 5.80 13.11
CA SER A 221 34.10 6.26 12.41
C SER A 221 33.93 7.74 12.09
N LYS A 222 34.94 8.53 12.41
CA LYS A 222 34.81 9.97 12.35
C LYS A 222 34.70 10.46 10.91
N GLU A 223 35.51 9.86 10.03
CA GLU A 223 35.47 10.17 8.61
C GLU A 223 34.14 9.72 7.96
N ARG A 224 33.55 8.65 8.48
CA ARG A 224 32.30 8.17 7.91
C ARG A 224 31.12 8.99 8.42
N VAL A 225 31.23 9.52 9.62
CA VAL A 225 30.20 10.42 10.12
C VAL A 225 30.17 11.70 9.30
N LEU A 226 31.35 12.23 9.01
CA LEU A 226 31.49 13.45 8.22
C LEU A 226 30.91 13.25 6.82
N GLU A 227 31.08 12.05 6.29
CA GLU A 227 30.55 11.67 4.99
C GLU A 227 29.01 11.63 5.03
N ALA A 228 28.47 11.07 6.10
CA ALA A 228 27.04 11.07 6.31
C ALA A 228 26.50 12.50 6.37
N ILE A 229 27.21 13.36 7.11
CA ILE A 229 26.78 14.75 7.28
C ILE A 229 26.82 15.54 5.97
N LYS A 230 27.90 15.40 5.20
CA LYS A 230 27.97 16.02 3.87
C LYS A 230 26.84 15.51 2.97
N ALA A 231 26.53 14.22 3.08
CA ALA A 231 25.47 13.63 2.29
C ALA A 231 24.09 14.16 2.70
N LEU A 232 23.86 14.29 4.00
CA LEU A 232 22.61 14.85 4.50
C LEU A 232 22.43 16.29 4.01
N TYR A 233 23.53 17.02 3.98
CA TYR A 233 23.51 18.39 3.47
C TYR A 233 23.11 18.48 2.00
N SER A 234 23.63 17.56 1.19
CA SER A 234 23.39 17.61 -0.25
C SER A 234 21.98 17.16 -0.61
N THR A 235 21.52 16.13 0.10
CA THR A 235 20.19 15.57 -0.13
C THR A 235 19.53 15.34 1.21
N PRO A 236 18.97 16.41 1.78
CA PRO A 236 18.35 16.43 3.11
C PRO A 236 17.06 15.62 3.19
N GLN A 237 16.36 15.48 2.07
CA GLN A 237 15.01 14.94 2.12
C GLN A 237 14.33 15.32 3.42
N ASN A 238 13.91 14.32 4.21
CA ASN A 238 13.30 14.61 5.51
C ASN A 238 14.22 14.20 6.66
N ASN A 239 15.51 14.10 6.36
CA ASN A 239 16.46 13.58 7.35
C ASN A 239 17.37 14.64 7.96
N PHE A 240 17.28 15.87 7.45
CA PHE A 240 18.21 16.93 7.82
C PHE A 240 17.55 18.31 7.73
N ARG A 241 17.60 19.07 8.83
CA ARG A 241 17.08 20.43 8.88
C ARG A 241 18.04 21.31 9.67
N VAL A 242 18.07 22.60 9.36
CA VAL A 242 18.87 23.54 10.14
C VAL A 242 18.07 24.79 10.47
N PHE A 243 18.23 25.29 11.69
CA PHE A 243 17.46 26.45 12.16
C PHE A 243 18.41 27.53 12.68
N LEU A 244 18.07 28.79 12.41
CA LEU A 244 18.76 29.92 12.98
C LEU A 244 17.78 30.58 13.94
N ASN A 245 18.05 30.48 15.23
CA ASN A 245 17.14 31.02 16.25
C ASN A 245 15.72 30.59 16.01
N GLY A 246 15.53 29.33 15.65
CA GLY A 246 14.20 28.76 15.49
C GLY A 246 13.60 28.94 14.11
N SER A 247 14.33 29.54 13.18
CA SER A 247 13.77 29.69 11.85
C SER A 247 14.57 28.91 10.79
N LEU A 248 13.82 28.13 10.01
CA LEU A 248 14.34 27.12 9.13
C LEU A 248 15.22 27.72 8.04
N ILE A 249 16.45 27.24 7.91
CA ILE A 249 17.33 27.74 6.87
C ILE A 249 17.88 26.66 5.93
N LEU A 250 17.69 25.40 6.29
CA LEU A 250 17.98 24.29 5.39
C LEU A 250 17.06 23.12 5.71
N GLY A 251 16.51 22.48 4.69
CA GLY A 251 15.61 21.35 4.93
C GLY A 251 14.15 21.62 4.59
N GLY A 252 13.30 20.63 4.76
CA GLY A 252 11.90 20.79 4.38
C GLY A 252 10.98 21.26 5.47
N SER A 253 9.88 21.88 5.07
CA SER A 253 8.87 22.38 5.99
C SER A 253 7.71 21.39 6.04
N GLY A 254 7.68 20.53 7.05
CA GLY A 254 6.64 19.52 7.16
C GLY A 254 6.73 18.44 6.11
N GLU A 255 7.88 18.34 5.44
CA GLU A 255 8.04 17.33 4.40
C GLU A 255 9.48 17.19 3.95
N SER A 256 9.69 16.24 3.06
CA SER A 256 10.99 15.98 2.48
C SER A 256 11.32 17.14 1.53
N THR A 257 12.57 17.57 1.51
CA THR A 257 12.95 18.57 0.53
C THR A 257 13.79 17.94 -0.59
N GLY A 258 13.91 18.65 -1.70
CA GLY A 258 14.69 18.15 -2.85
C GLY A 258 16.17 18.45 -2.68
N ARG A 259 17.00 17.89 -3.55
CA ARG A 259 18.45 18.12 -3.48
C ARG A 259 18.81 19.58 -3.26
N THR A 260 19.85 19.81 -2.47
CA THR A 260 20.33 21.16 -2.26
C THR A 260 20.93 21.70 -3.56
N SER A 261 20.38 22.81 -4.02
CA SER A 261 20.82 23.45 -5.24
C SER A 261 21.73 24.62 -4.88
N PRO A 262 22.44 25.16 -5.88
CA PRO A 262 23.30 26.32 -5.65
C PRO A 262 22.57 27.49 -5.01
N GLU A 263 21.30 27.71 -5.41
CA GLU A 263 20.47 28.76 -4.82
C GLU A 263 20.26 28.51 -3.33
N ILE A 264 19.94 27.26 -2.98
CA ILE A 264 19.80 26.85 -1.59
C ILE A 264 21.16 26.90 -0.90
N GLY A 265 22.20 26.51 -1.63
CA GLY A 265 23.57 26.55 -1.13
C GLY A 265 23.94 27.95 -0.68
N TYR A 266 23.72 28.91 -1.56
CA TYR A 266 23.97 30.32 -1.24
C TYR A 266 23.13 30.81 -0.05
N ALA A 267 21.82 30.61 -0.10
CA ALA A 267 20.96 31.10 0.99
C ALA A 267 21.48 30.61 2.35
N PHE A 268 21.76 29.32 2.44
CA PHE A 268 22.26 28.74 3.67
C PHE A 268 23.64 29.30 4.04
N GLU A 269 24.52 29.46 3.05
CA GLU A 269 25.86 30.00 3.34
C GLU A 269 25.72 31.39 3.94
N ASP A 270 24.81 32.18 3.37
CA ASP A 270 24.61 33.55 3.83
C ASP A 270 24.00 33.59 5.24
N ALA A 271 23.08 32.68 5.52
CA ALA A 271 22.43 32.65 6.83
C ALA A 271 23.43 32.41 7.96
N LEU A 272 24.54 31.73 7.65
CA LEU A 272 25.54 31.40 8.66
C LEU A 272 26.44 32.56 9.08
N LYS A 273 26.31 33.70 8.42
CA LYS A 273 27.26 34.80 8.62
C LYS A 273 27.38 35.25 10.08
N GLY A 274 28.61 35.43 10.54
CA GLY A 274 28.85 35.87 11.90
C GLY A 274 28.89 34.70 12.87
N PHE A 275 28.06 33.70 12.62
CA PHE A 275 28.02 32.51 13.47
C PHE A 275 29.24 31.64 13.24
N ILE A 276 29.43 31.17 12.02
CA ILE A 276 30.68 30.53 11.64
C ILE A 276 31.56 31.64 11.09
N GLN A 277 32.64 31.92 11.79
CA GLN A 277 33.43 33.09 11.45
C GLN A 277 34.58 32.71 10.52
N SER A 278 34.20 32.44 9.27
CA SER A 278 35.15 32.07 8.24
C SER A 278 34.95 33.01 7.04
N GLU A 279 35.73 32.82 5.99
CA GLU A 279 35.64 33.67 4.81
C GLU A 279 34.36 33.35 4.04
N ASP A 280 33.77 34.36 3.41
CA ASP A 280 32.56 34.16 2.63
C ASP A 280 32.74 33.02 1.63
N GLY A 281 31.86 32.02 1.70
CA GLY A 281 31.97 30.84 0.85
C GLY A 281 32.49 29.60 1.55
N HIS A 282 33.17 29.79 2.67
CA HIS A 282 33.76 28.67 3.40
C HIS A 282 33.01 28.30 4.69
N ARG A 283 31.96 29.05 5.01
CA ARG A 283 31.21 28.81 6.24
C ARG A 283 30.56 27.43 6.22
N THR A 284 29.99 27.07 5.07
CA THR A 284 29.27 25.83 4.95
C THR A 284 30.13 24.61 5.31
N GLU A 285 31.33 24.53 4.77
CA GLU A 285 32.19 23.38 5.03
C GLU A 285 32.55 23.31 6.51
N CYS A 286 32.77 24.48 7.13
CA CYS A 286 33.09 24.54 8.55
C CYS A 286 31.90 24.12 9.41
N PHE A 287 30.70 24.51 9.00
CA PHE A 287 29.52 24.09 9.72
C PHE A 287 29.33 22.58 9.65
N LEU A 288 29.56 22.00 8.47
CA LEU A 288 29.41 20.56 8.32
C LEU A 288 30.37 19.83 9.25
N GLN A 289 31.61 20.31 9.32
CA GLN A 289 32.60 19.70 10.20
C GLN A 289 32.17 19.84 11.66
N LEU A 290 31.62 20.99 12.00
CA LEU A 290 31.16 21.24 13.36
C LEU A 290 30.06 20.27 13.80
N VAL A 291 29.10 20.01 12.90
CA VAL A 291 28.03 19.07 13.19
C VAL A 291 28.62 17.67 13.37
N SER A 292 29.45 17.27 12.43
CA SER A 292 30.12 15.97 12.48
C SER A 292 30.84 15.79 13.83
N ASP A 293 31.66 16.76 14.20
CA ASP A 293 32.42 16.69 15.44
C ASP A 293 31.51 16.51 16.65
N ALA A 294 30.39 17.23 16.64
CA ALA A 294 29.40 17.16 17.74
C ALA A 294 28.73 15.79 17.82
N VAL A 295 28.22 15.31 16.69
CA VAL A 295 27.61 14.01 16.61
C VAL A 295 28.57 12.96 17.14
N TYR A 296 29.67 12.80 16.42
CA TYR A 296 30.67 11.82 16.74
C TYR A 296 31.10 11.95 18.20
N GLY A 297 31.69 13.10 18.54
CA GLY A 297 32.21 13.32 19.88
C GLY A 297 31.19 13.08 20.98
N SER A 298 29.93 13.35 20.69
CA SER A 298 28.90 13.27 21.72
C SER A 298 28.62 11.81 22.09
N GLY A 299 28.70 10.93 21.10
CA GLY A 299 28.42 9.53 21.30
C GLY A 299 26.94 9.25 21.39
N VAL A 300 26.13 10.28 21.13
CA VAL A 300 24.68 10.14 21.28
C VAL A 300 24.07 9.07 20.38
N LEU A 301 24.67 8.81 19.23
CA LEU A 301 24.12 7.80 18.31
C LEU A 301 24.30 6.35 18.76
N ASP A 302 25.39 6.07 19.47
CA ASP A 302 25.63 4.71 19.97
C ASP A 302 24.46 4.28 20.84
N ARG A 303 24.01 5.16 21.71
CA ARG A 303 22.92 4.85 22.61
C ARG A 303 21.61 4.63 21.83
N LEU A 304 21.31 5.53 20.89
CA LEU A 304 20.13 5.37 20.05
C LEU A 304 20.18 4.05 19.32
N LEU A 305 21.34 3.72 18.77
CA LEU A 305 21.52 2.51 17.99
C LEU A 305 21.21 1.27 18.82
N GLU A 306 21.65 1.25 20.08
CA GLU A 306 21.33 0.13 20.98
C GLU A 306 19.82 -0.06 21.07
N ILE A 307 19.08 1.04 21.14
CA ILE A 307 17.64 0.92 21.27
C ILE A 307 17.07 0.37 19.97
N GLN A 308 17.64 0.77 18.84
CA GLN A 308 17.15 0.31 17.54
C GLN A 308 17.34 -1.20 17.42
N LYS A 309 18.42 -1.68 18.03
CA LYS A 309 18.75 -3.10 17.96
C LYS A 309 17.90 -3.96 18.88
N LEU A 310 16.91 -3.36 19.54
CA LEU A 310 15.90 -4.16 20.24
C LEU A 310 15.04 -4.90 19.23
N ASP A 311 15.13 -4.47 17.96
CA ASP A 311 14.58 -5.25 16.86
C ASP A 311 15.57 -6.37 16.60
N LYS A 312 15.47 -7.42 17.41
CA LYS A 312 16.50 -8.45 17.42
C LYS A 312 16.33 -9.48 16.30
N LEU A 313 15.10 -9.69 15.86
CA LEU A 313 14.80 -10.84 15.01
C LEU A 313 14.35 -10.42 13.63
N ASP A 314 14.22 -9.12 13.43
CA ASP A 314 13.67 -8.56 12.21
C ASP A 314 12.17 -8.74 12.16
N ILE A 315 11.50 -7.92 11.35
CA ILE A 315 10.06 -8.01 11.22
C ILE A 315 9.66 -9.40 10.73
N GLU A 316 10.52 -10.04 9.94
CA GLU A 316 10.20 -11.38 9.43
C GLU A 316 10.14 -12.42 10.54
N GLY A 317 10.82 -12.14 11.64
CA GLY A 317 10.75 -12.99 12.82
C GLY A 317 9.66 -12.49 13.75
N ALA A 318 9.67 -11.20 14.05
CA ALA A 318 8.77 -10.63 15.05
C ALA A 318 7.29 -10.81 14.69
N ILE A 319 7.01 -10.79 13.39
CA ILE A 319 5.63 -10.90 12.92
C ILE A 319 4.96 -12.19 13.43
N HIS A 320 5.73 -13.27 13.51
CA HIS A 320 5.18 -14.54 14.02
C HIS A 320 4.72 -14.44 15.49
N CYS A 321 5.52 -13.79 16.32
CA CYS A 321 5.16 -13.51 17.71
C CYS A 321 3.92 -12.61 17.81
N TYR A 322 3.78 -11.70 16.86
CA TYR A 322 2.63 -10.81 16.82
C TYR A 322 1.32 -11.57 16.73
N TYR A 323 1.23 -12.50 15.79
CA TYR A 323 0.01 -13.29 15.65
C TYR A 323 -0.29 -14.17 16.88
N ASP A 324 0.77 -14.68 17.52
CA ASP A 324 0.60 -15.38 18.79
C ASP A 324 0.03 -14.47 19.87
N ILE A 325 0.48 -13.21 19.88
CA ILE A 325 0.03 -12.27 20.90
C ILE A 325 -1.45 -11.93 20.74
N ILE A 326 -1.88 -11.80 19.50
CA ILE A 326 -3.27 -11.41 19.23
C ILE A 326 -4.15 -12.65 19.03
N ASN A 327 -3.58 -13.82 19.25
CA ASN A 327 -4.34 -15.06 19.19
C ASN A 327 -4.99 -15.36 17.85
N GLN A 328 -4.28 -15.05 16.77
CA GLN A 328 -4.74 -15.42 15.45
C GLN A 328 -3.79 -16.46 14.89
N PRO A 329 -4.35 -17.51 14.25
CA PRO A 329 -3.50 -18.45 13.56
C PRO A 329 -2.59 -17.66 12.63
N CYS A 330 -1.34 -18.06 12.53
CA CYS A 330 -0.35 -17.28 11.78
C CYS A 330 -0.59 -17.44 10.30
N PRO A 331 -0.89 -16.33 9.61
CA PRO A 331 -1.07 -16.39 8.15
C PRO A 331 0.25 -16.44 7.41
N ILE A 332 1.36 -16.16 8.08
CA ILE A 332 2.67 -16.17 7.43
C ILE A 332 3.20 -17.60 7.28
N CYS A 333 3.04 -18.42 8.32
CA CYS A 333 3.32 -19.84 8.24
C CYS A 333 2.21 -20.52 7.43
N LYS A 334 2.55 -21.50 6.61
CA LYS A 334 1.56 -22.16 5.75
C LYS A 334 1.47 -23.68 5.97
N GLU A 335 0.32 -24.24 5.62
CA GLU A 335 0.09 -25.68 5.72
C GLU A 335 1.37 -26.50 5.55
N GLU A 342 7.49 -21.68 11.34
CA GLU A 342 8.61 -21.47 12.24
C GLU A 342 8.29 -22.09 13.65
N LEU A 343 8.27 -23.42 13.72
CA LEU A 343 7.98 -24.12 14.98
C LEU A 343 8.69 -23.43 16.15
N SER A 344 9.85 -22.82 15.92
CA SER A 344 10.63 -22.15 16.98
C SER A 344 9.94 -20.97 17.72
N LEU A 345 9.63 -19.91 17.00
CA LEU A 345 9.04 -18.72 17.60
C LEU A 345 7.65 -19.04 18.12
N HIS A 346 6.97 -19.96 17.47
CA HIS A 346 5.61 -20.27 17.84
C HIS A 346 5.55 -21.15 19.10
N ALA A 347 6.70 -21.67 19.52
CA ALA A 347 6.76 -22.49 20.73
C ALA A 347 7.16 -21.66 21.95
N LEU A 348 7.33 -20.36 21.77
CA LEU A 348 7.69 -19.47 22.87
C LEU A 348 6.53 -19.27 23.86
N PRO A 349 6.85 -19.19 25.16
CA PRO A 349 5.79 -18.83 26.10
C PRO A 349 5.30 -17.42 25.81
N LEU A 350 4.02 -17.18 26.06
CA LEU A 350 3.41 -15.87 25.80
C LEU A 350 4.25 -14.71 26.32
N ASP A 351 4.70 -14.81 27.56
CA ASP A 351 5.53 -13.80 28.20
C ASP A 351 6.68 -13.36 27.29
N GLU A 352 7.32 -14.32 26.64
CA GLU A 352 8.47 -14.04 25.79
C GLU A 352 8.06 -13.38 24.46
N SER A 353 6.95 -13.82 23.88
CA SER A 353 6.42 -13.22 22.65
C SER A 353 6.06 -11.75 22.87
N LEU A 354 5.40 -11.47 23.98
CA LEU A 354 5.10 -10.10 24.39
C LEU A 354 6.37 -9.24 24.46
N LYS A 355 7.39 -9.75 25.16
CA LYS A 355 8.67 -9.04 25.28
C LYS A 355 9.25 -8.67 23.91
N ILE A 356 9.41 -9.66 23.06
CA ILE A 356 9.90 -9.47 21.71
C ILE A 356 9.14 -8.42 20.90
N VAL A 357 7.82 -8.40 20.98
CA VAL A 357 7.04 -7.45 20.20
C VAL A 357 7.11 -6.04 20.80
N LYS A 358 7.12 -5.97 22.13
CA LYS A 358 7.23 -4.70 22.82
C LYS A 358 8.58 -4.07 22.51
N GLU A 359 9.61 -4.89 22.50
CA GLU A 359 10.93 -4.40 22.18
C GLU A 359 10.99 -3.99 20.72
N TYR A 360 10.24 -4.71 19.88
CA TYR A 360 10.23 -4.37 18.47
C TYR A 360 9.65 -2.98 18.28
N LEU A 361 8.62 -2.67 19.06
CA LEU A 361 7.94 -1.38 18.94
C LEU A 361 8.71 -0.24 19.59
N ILE A 362 9.43 -0.55 20.65
CA ILE A 362 10.38 0.41 21.23
C ILE A 362 11.44 0.71 20.18
N ALA A 363 11.96 -0.33 19.54
CA ALA A 363 12.97 -0.11 18.50
C ALA A 363 12.42 0.75 17.36
N ALA A 364 11.18 0.51 16.97
CA ALA A 364 10.53 1.31 15.93
C ALA A 364 10.44 2.82 16.32
N THR A 365 10.31 3.11 17.61
CA THR A 365 10.33 4.50 18.06
C THR A 365 11.71 5.06 17.79
N ALA A 366 12.72 4.31 18.21
CA ALA A 366 14.12 4.70 18.07
C ALA A 366 14.53 4.92 16.62
N LYS A 367 13.97 4.11 15.72
CA LYS A 367 14.31 4.16 14.31
C LYS A 367 13.73 5.37 13.62
N ASP A 368 12.71 5.97 14.22
CA ASP A 368 11.94 7.02 13.55
C ASP A 368 11.97 8.37 14.26
N CYS A 369 12.74 8.47 15.35
CA CYS A 369 12.88 9.73 16.05
C CYS A 369 13.93 10.61 15.39
N SER A 370 14.17 11.79 15.97
CA SER A 370 15.22 12.66 15.48
C SER A 370 16.09 13.09 16.63
N ILE A 371 17.27 13.58 16.27
CA ILE A 371 18.19 14.21 17.17
C ILE A 371 18.25 15.69 16.82
N MET A 372 18.15 16.55 17.82
CA MET A 372 18.37 17.97 17.63
C MET A 372 19.65 18.38 18.37
N ILE A 373 20.57 19.00 17.66
CA ILE A 373 21.81 19.45 18.27
C ILE A 373 21.89 20.97 18.17
N SER A 374 21.82 21.62 19.33
CA SER A 374 21.84 23.08 19.44
C SER A 374 23.25 23.57 19.66
N PHE A 375 23.64 24.59 18.91
CA PHE A 375 24.96 25.19 19.02
C PHE A 375 24.89 26.66 19.47
N GLN A 376 25.85 27.06 20.29
CA GLN A 376 26.09 28.48 20.51
C GLN A 376 27.55 28.78 20.85
N SER A 377 27.99 29.99 20.54
CA SER A 377 29.36 30.36 20.86
C SER A 377 29.63 30.12 22.34
N ARG A 378 30.74 29.47 22.65
CA ARG A 378 31.14 29.21 24.03
C ARG A 378 31.09 30.49 24.85
N ASN A 379 30.30 30.49 25.92
CA ASN A 379 30.11 31.67 26.75
C ASN A 379 30.96 31.62 28.00
N ALA A 380 32.07 32.34 27.99
CA ALA A 380 33.01 32.33 29.12
C ALA A 380 32.35 32.78 30.43
N TRP A 381 31.25 33.51 30.32
CA TRP A 381 30.53 34.00 31.49
C TRP A 381 29.57 32.97 32.10
N ASP A 382 29.46 31.80 31.50
CA ASP A 382 28.68 30.71 32.10
C ASP A 382 29.11 30.53 33.55
N SER A 383 28.15 30.51 34.47
CA SER A 383 28.49 30.36 35.89
C SER A 383 28.96 28.94 36.18
N GLU A 384 28.60 28.01 35.31
CA GLU A 384 29.17 26.67 35.35
C GLU A 384 29.46 26.21 33.92
N PRO A 385 30.72 26.38 33.48
CA PRO A 385 31.22 26.06 32.16
C PRO A 385 30.79 24.68 31.65
N SER A 386 30.23 24.63 30.45
CA SER A 386 29.73 23.39 29.89
C SER A 386 30.85 22.43 29.51
N GLY A 387 30.62 21.14 29.79
CA GLY A 387 31.59 20.11 29.43
C GLY A 387 31.48 19.64 27.99
N ASP A 388 30.43 20.07 27.30
CA ASP A 388 30.20 19.64 25.92
C ASP A 388 30.37 20.78 24.94
N TYR A 389 31.37 20.67 24.08
CA TYR A 389 31.68 21.73 23.15
C TYR A 389 32.56 21.21 22.03
N VAL A 390 32.75 22.05 21.02
CA VAL A 390 33.56 21.70 19.87
C VAL A 390 34.40 22.89 19.42
N SER A 391 35.70 22.66 19.26
CA SER A 391 36.60 23.68 18.76
C SER A 391 36.81 23.50 17.27
N LEU A 392 36.35 24.47 16.48
CA LEU A 392 36.57 24.46 15.04
C LEU A 392 38.00 24.84 14.71
N LYS A 393 38.75 23.89 14.14
CA LYS A 393 40.13 24.10 13.76
C LYS A 393 40.36 25.50 13.20
N PRO A 394 39.87 25.74 11.98
CA PRO A 394 40.13 26.97 11.22
C PRO A 394 39.71 28.25 11.95
N THR A 395 38.41 28.40 12.19
CA THR A 395 37.88 29.65 12.74
C THR A 395 38.43 30.03 14.11
N ASN A 396 38.95 29.06 14.84
CA ASN A 396 39.41 29.32 16.20
C ASN A 396 38.25 29.65 17.11
N GLN A 397 37.12 29.00 16.86
CA GLN A 397 35.93 29.20 17.66
C GLN A 397 35.66 27.97 18.50
N THR A 398 35.05 28.19 19.66
CA THR A 398 34.55 27.10 20.47
C THR A 398 33.03 27.24 20.47
N PHE A 399 32.34 26.15 20.21
CA PHE A 399 30.89 26.13 20.34
C PHE A 399 30.48 25.14 21.42
N ASP A 400 29.65 25.60 22.34
CA ASP A 400 28.98 24.66 23.23
C ASP A 400 27.84 24.06 22.44
N TYR A 401 27.50 22.81 22.75
CA TYR A 401 26.39 22.16 22.10
C TYR A 401 25.55 21.42 23.13
N LYS A 402 24.33 21.09 22.76
CA LYS A 402 23.44 20.26 23.56
C LYS A 402 22.71 19.35 22.58
N VAL A 403 22.43 18.11 22.98
CA VAL A 403 21.67 17.20 22.15
C VAL A 403 20.38 16.82 22.86
N HIS A 404 19.28 16.81 22.11
CA HIS A 404 18.04 16.26 22.62
C HIS A 404 17.44 15.35 21.58
N PHE A 405 16.81 14.27 22.04
CA PHE A 405 16.02 13.44 21.15
C PHE A 405 14.61 14.01 21.12
N ILE A 406 13.99 14.00 19.94
CA ILE A 406 12.60 14.41 19.84
C ILE A 406 11.80 13.36 19.10
N ASP A 407 10.48 13.47 19.16
CA ASP A 407 9.63 12.60 18.38
C ASP A 407 9.83 11.15 18.80
N LEU A 408 9.61 10.90 20.09
CA LEU A 408 9.71 9.54 20.63
C LEU A 408 8.32 8.95 20.82
N SER A 409 7.58 8.83 19.72
CA SER A 409 6.19 8.39 19.72
C SER A 409 6.00 6.90 20.01
N LEU A 410 4.91 6.58 20.69
CA LEU A 410 4.52 5.20 20.87
C LEU A 410 3.94 4.69 19.57
N LYS A 411 4.41 3.53 19.12
CA LYS A 411 3.90 2.94 17.90
C LYS A 411 2.80 1.94 18.24
N PRO A 412 1.70 1.98 17.49
CA PRO A 412 0.58 1.10 17.75
C PRO A 412 0.90 -0.34 17.33
N LEU A 413 0.56 -1.28 18.21
CA LEU A 413 0.78 -2.71 18.02
C LEU A 413 0.21 -3.24 16.70
N LYS A 414 -1.00 -2.80 16.38
CA LYS A 414 -1.66 -3.19 15.15
C LYS A 414 -0.78 -2.96 13.94
N ARG A 415 0.14 -2.01 14.03
CA ARG A 415 0.98 -1.65 12.91
C ARG A 415 1.97 -2.77 12.52
N MET A 416 2.11 -3.78 13.37
CA MET A 416 2.98 -4.92 13.04
C MET A 416 2.63 -5.50 11.66
N GLU A 417 1.34 -5.56 11.35
CA GLU A 417 0.89 -6.12 10.08
C GLU A 417 1.43 -5.32 8.89
N SER A 418 1.28 -4.01 8.94
CA SER A 418 1.77 -3.19 7.83
C SER A 418 3.29 -3.11 7.81
N TYR A 419 3.94 -3.20 8.97
CA TYR A 419 5.39 -3.27 8.98
C TYR A 419 5.80 -4.45 8.10
N TYR A 420 5.13 -5.58 8.29
CA TYR A 420 5.47 -6.78 7.51
C TYR A 420 5.20 -6.60 6.01
N LYS A 421 4.08 -6.00 5.67
CA LYS A 421 3.76 -5.83 4.25
C LYS A 421 4.64 -4.80 3.57
N LEU A 422 4.88 -3.68 4.24
CA LEU A 422 5.79 -2.67 3.71
C LEU A 422 7.16 -3.29 3.50
N ASP A 423 7.64 -4.05 4.49
CA ASP A 423 8.91 -4.74 4.35
C ASP A 423 8.93 -5.69 3.16
N LYS A 424 7.88 -6.48 2.99
CA LYS A 424 7.85 -7.44 1.89
C LYS A 424 7.92 -6.66 0.59
N LYS A 425 7.21 -5.54 0.56
CA LYS A 425 7.17 -4.70 -0.62
C LYS A 425 8.55 -4.12 -0.92
N ILE A 426 9.22 -3.63 0.10
CA ILE A 426 10.54 -3.03 -0.10
C ILE A 426 11.47 -4.06 -0.73
N ILE A 427 11.60 -5.21 -0.08
CA ILE A 427 12.59 -6.19 -0.52
C ILE A 427 12.27 -6.85 -1.85
N SER A 428 11.00 -7.09 -2.11
CA SER A 428 10.64 -7.75 -3.36
C SER A 428 10.75 -6.79 -4.55
N PHE A 429 10.62 -5.49 -4.30
CA PHE A 429 10.89 -4.52 -5.36
C PHE A 429 12.39 -4.33 -5.56
N TYR A 430 13.15 -4.28 -4.47
CA TYR A 430 14.60 -4.20 -4.57
C TYR A 430 15.16 -5.40 -5.33
N ASN A 431 14.63 -6.59 -5.04
CA ASN A 431 15.05 -7.81 -5.73
C ASN A 431 14.75 -7.70 -7.23
N ARG A 432 13.51 -7.32 -7.54
CA ARG A 432 13.10 -7.12 -8.93
C ARG A 432 14.01 -6.12 -9.64
N LYS A 433 14.34 -5.03 -8.97
CA LYS A 433 15.23 -4.02 -9.55
C LYS A 433 16.62 -4.56 -9.80
N GLN A 434 17.11 -5.41 -8.90
CA GLN A 434 18.44 -5.98 -9.06
C GLN A 434 18.46 -7.02 -10.17
N LYS A 435 17.42 -7.84 -10.24
CA LYS A 435 17.38 -8.88 -11.26
C LYS A 435 17.61 -8.23 -12.62
N ALA A 436 17.13 -7.00 -12.77
CA ALA A 436 17.43 -6.22 -13.96
C ALA A 436 18.90 -5.82 -13.97
N GLU A 437 19.77 -6.80 -14.25
CA GLU A 437 21.21 -6.57 -14.27
C GLU A 437 21.63 -5.70 -15.45
N MET B 3 -10.40 -23.72 -42.95
CA MET B 3 -11.08 -24.16 -41.70
C MET B 3 -11.87 -23.00 -41.08
N ILE B 4 -12.86 -22.52 -41.82
CA ILE B 4 -13.70 -21.44 -41.35
C ILE B 4 -14.98 -22.00 -40.75
N LEU B 5 -15.31 -21.56 -39.55
CA LEU B 5 -16.61 -21.90 -38.99
C LEU B 5 -17.69 -21.24 -39.84
N GLU B 6 -18.56 -22.07 -40.40
CA GLU B 6 -19.57 -21.59 -41.33
C GLU B 6 -20.94 -21.64 -40.69
N GLU B 7 -21.90 -21.00 -41.33
CA GLU B 7 -23.25 -20.94 -40.79
C GLU B 7 -23.67 -22.26 -40.14
N LYS B 8 -23.44 -23.37 -40.84
CA LYS B 8 -23.91 -24.68 -40.39
C LYS B 8 -23.40 -25.00 -38.99
N ASP B 9 -22.17 -24.58 -38.72
CA ASP B 9 -21.47 -24.95 -37.50
C ASP B 9 -22.07 -24.26 -36.28
N ALA B 10 -22.81 -23.19 -36.51
CA ALA B 10 -23.42 -22.43 -35.41
C ALA B 10 -24.26 -23.31 -34.48
N SER B 11 -24.90 -24.33 -35.04
CA SER B 11 -25.82 -25.16 -34.27
C SER B 11 -25.09 -26.03 -33.24
N ASP B 12 -23.77 -26.14 -33.36
CA ASP B 12 -22.99 -26.99 -32.46
C ASP B 12 -22.46 -26.26 -31.22
N TRP B 13 -22.89 -25.01 -31.02
CA TRP B 13 -22.41 -24.23 -29.89
C TRP B 13 -23.55 -23.77 -28.99
N ILE B 14 -23.35 -23.94 -27.69
CA ILE B 14 -24.41 -23.60 -26.74
C ILE B 14 -23.96 -22.48 -25.79
N TYR B 15 -24.90 -21.61 -25.43
CA TYR B 15 -24.60 -20.49 -24.55
C TYR B 15 -23.91 -21.00 -23.31
N ARG B 16 -22.81 -20.37 -22.93
CA ARG B 16 -22.14 -20.68 -21.67
C ARG B 16 -22.20 -19.48 -20.72
N GLY B 17 -21.97 -18.30 -21.27
CA GLY B 17 -22.06 -17.09 -20.45
C GLY B 17 -21.48 -15.91 -21.19
N GLU B 18 -21.30 -14.80 -20.49
CA GLU B 18 -20.72 -13.62 -21.10
C GLU B 18 -20.41 -12.59 -20.04
N GLY B 19 -19.39 -11.78 -20.30
CA GLY B 19 -19.08 -10.64 -19.48
C GLY B 19 -19.41 -9.38 -20.26
N GLY B 20 -18.69 -8.31 -19.97
CA GLY B 20 -18.95 -7.03 -20.63
C GLY B 20 -18.36 -6.97 -22.03
N ALA B 21 -17.43 -7.88 -22.34
CA ALA B 21 -16.70 -7.77 -23.62
C ALA B 21 -16.85 -8.98 -24.54
N ASN B 22 -17.08 -10.17 -23.99
CA ASN B 22 -17.14 -11.38 -24.79
C ASN B 22 -18.33 -12.28 -24.51
N LEU B 23 -18.74 -13.01 -25.54
CA LEU B 23 -19.76 -14.01 -25.41
C LEU B 23 -19.08 -15.35 -25.46
N VAL B 24 -19.44 -16.27 -24.56
CA VAL B 24 -18.80 -17.57 -24.54
C VAL B 24 -19.79 -18.69 -24.80
N LEU B 25 -19.43 -19.59 -25.69
CA LEU B 25 -20.27 -20.72 -26.02
C LEU B 25 -19.48 -21.98 -25.79
N ALA B 26 -20.13 -23.00 -25.24
CA ALA B 26 -19.54 -24.32 -25.14
C ALA B 26 -19.88 -25.16 -26.37
N TYR B 27 -18.94 -26.01 -26.78
CA TYR B 27 -19.14 -26.88 -27.93
C TYR B 27 -20.02 -28.06 -27.60
N ALA B 28 -21.03 -28.30 -28.43
CA ALA B 28 -21.89 -29.46 -28.24
C ALA B 28 -21.90 -30.32 -29.49
N GLY B 29 -20.85 -30.22 -30.31
CA GLY B 29 -20.75 -31.03 -31.52
C GLY B 29 -19.95 -32.31 -31.31
N SER B 30 -19.50 -32.92 -32.39
CA SER B 30 -18.62 -34.08 -32.31
C SER B 30 -17.31 -33.94 -33.09
N SER B 31 -16.91 -32.71 -33.39
CA SER B 31 -15.59 -32.50 -33.99
C SER B 31 -14.49 -32.64 -32.94
N PRO B 32 -13.51 -33.50 -33.21
CA PRO B 32 -12.35 -33.67 -32.34
C PRO B 32 -11.65 -32.34 -32.16
N LEU B 33 -11.86 -31.43 -33.09
CA LEU B 33 -11.29 -30.10 -33.01
C LEU B 33 -11.85 -29.27 -31.87
N PHE B 34 -13.07 -29.59 -31.43
CA PHE B 34 -13.78 -28.68 -30.53
C PHE B 34 -14.39 -29.34 -29.30
N VAL B 35 -14.27 -30.66 -29.21
CA VAL B 35 -14.71 -31.39 -28.03
C VAL B 35 -13.97 -30.87 -26.81
N GLY B 36 -14.70 -30.41 -25.81
CA GLY B 36 -14.09 -29.94 -24.56
C GLY B 36 -13.54 -28.53 -24.66
N LYS B 37 -13.98 -27.80 -25.69
CA LYS B 37 -13.56 -26.42 -25.88
C LYS B 37 -14.76 -25.48 -25.72
N VAL B 38 -14.46 -24.21 -25.47
CA VAL B 38 -15.45 -23.16 -25.59
C VAL B 38 -14.94 -22.22 -26.67
N ILE B 39 -15.82 -21.34 -27.16
CA ILE B 39 -15.44 -20.35 -28.17
C ILE B 39 -15.70 -18.99 -27.53
N ARG B 40 -14.78 -18.06 -27.67
CA ARG B 40 -14.95 -16.73 -27.07
C ARG B 40 -15.01 -15.65 -28.15
N ILE B 41 -16.10 -14.91 -28.16
CA ILE B 41 -16.45 -14.05 -29.30
C ILE B 41 -16.61 -12.61 -28.84
N GLN B 42 -15.81 -11.70 -29.39
CA GLN B 42 -15.85 -10.30 -28.96
C GLN B 42 -17.17 -9.66 -29.33
N LYS B 43 -17.73 -8.88 -28.41
CA LYS B 43 -18.95 -8.18 -28.71
C LYS B 43 -18.62 -6.76 -29.20
N ALA B 44 -19.58 -6.14 -29.87
CA ALA B 44 -19.45 -4.75 -30.31
C ALA B 44 -20.17 -3.83 -29.34
N ARG B 45 -19.40 -3.05 -28.58
CA ARG B 45 -19.97 -2.11 -27.63
C ARG B 45 -21.05 -1.25 -28.28
N VAL B 57 -13.60 -1.14 -41.21
CA VAL B 57 -12.22 -1.35 -40.77
C VAL B 57 -11.91 -0.66 -39.44
N VAL B 58 -12.48 -1.16 -38.34
CA VAL B 58 -12.11 -0.65 -37.01
C VAL B 58 -10.70 -1.12 -36.63
N SER B 59 -9.83 -0.18 -36.32
CA SER B 59 -8.42 -0.48 -36.08
C SER B 59 -8.20 -1.21 -34.75
N VAL B 60 -7.23 -2.10 -34.72
CA VAL B 60 -6.92 -2.88 -33.51
C VAL B 60 -6.51 -1.99 -32.31
N LEU B 61 -5.99 -0.81 -32.60
CA LEU B 61 -5.54 0.13 -31.56
C LEU B 61 -5.71 1.57 -32.04
N THR B 62 -5.88 2.49 -31.10
CA THR B 62 -5.94 3.92 -31.42
C THR B 62 -4.55 4.49 -31.57
N SER B 63 -4.47 5.73 -32.05
CA SER B 63 -3.20 6.46 -32.13
C SER B 63 -2.50 6.47 -30.78
N ASP B 64 -3.23 6.91 -29.77
CA ASP B 64 -2.66 7.06 -28.44
C ASP B 64 -2.15 5.70 -27.96
N GLU B 65 -2.89 4.65 -28.30
CA GLU B 65 -2.54 3.29 -27.86
C GLU B 65 -1.28 2.77 -28.55
N GLN B 66 -1.12 3.09 -29.84
CA GLN B 66 0.12 2.77 -30.55
C GLN B 66 1.33 3.32 -29.81
N HIS B 67 1.19 4.54 -29.30
CA HIS B 67 2.26 5.20 -28.54
C HIS B 67 2.50 4.45 -27.23
N LEU B 68 1.42 4.18 -26.51
CA LEU B 68 1.52 3.49 -25.23
C LEU B 68 2.29 2.19 -25.36
N TRP B 69 1.94 1.40 -26.39
CA TRP B 69 2.47 0.07 -26.56
C TRP B 69 3.58 0.03 -27.60
N ARG B 70 4.17 1.19 -27.87
CA ARG B 70 5.24 1.30 -28.84
C ARG B 70 6.34 0.28 -28.57
N GLU B 71 6.61 0.04 -27.29
CA GLU B 71 7.68 -0.87 -26.89
C GLU B 71 7.34 -2.31 -27.26
N ASN B 72 6.04 -2.57 -27.44
CA ASN B 72 5.56 -3.90 -27.77
C ASN B 72 4.98 -3.96 -29.17
N ASN B 73 5.87 -4.09 -30.14
CA ASN B 73 5.49 -4.01 -31.54
C ASN B 73 4.61 -5.15 -32.04
N GLU B 74 4.81 -6.34 -31.48
CA GLU B 74 4.00 -7.49 -31.83
C GLU B 74 2.54 -7.19 -31.50
N LEU B 75 2.33 -6.26 -30.57
CA LEU B 75 0.99 -5.84 -30.21
C LEU B 75 0.41 -4.96 -31.31
N ILE B 76 1.18 -3.98 -31.76
CA ILE B 76 0.66 -3.00 -32.69
C ILE B 76 0.55 -3.52 -34.12
N SER B 77 1.27 -4.60 -34.43
CA SER B 77 1.19 -5.20 -35.75
C SER B 77 0.11 -6.28 -35.85
N SER B 78 -0.68 -6.44 -34.81
CA SER B 78 -1.74 -7.45 -34.82
C SER B 78 -2.72 -7.18 -35.95
N PRO B 79 -3.08 -8.23 -36.71
CA PRO B 79 -4.05 -8.14 -37.80
C PRO B 79 -5.47 -7.89 -37.30
N ASN B 80 -5.75 -8.34 -36.07
CA ASN B 80 -7.07 -8.16 -35.49
C ASN B 80 -7.04 -8.21 -33.95
N LYS B 81 -8.17 -7.85 -33.34
CA LYS B 81 -8.23 -7.72 -31.90
C LYS B 81 -8.09 -9.06 -31.20
N GLU B 82 -8.41 -10.13 -31.90
CA GLU B 82 -8.25 -11.46 -31.35
C GLU B 82 -6.79 -11.81 -31.15
N VAL B 83 -5.97 -11.53 -32.16
CA VAL B 83 -4.53 -11.79 -32.06
C VAL B 83 -3.89 -10.81 -31.09
N LEU B 84 -4.39 -9.58 -31.09
CA LEU B 84 -3.99 -8.56 -30.13
C LEU B 84 -4.11 -9.10 -28.70
N GLU B 85 -5.27 -9.61 -28.35
CA GLU B 85 -5.47 -10.19 -27.02
C GLU B 85 -4.55 -11.38 -26.81
N GLN B 86 -4.36 -12.19 -27.85
CA GLN B 86 -3.46 -13.33 -27.77
C GLN B 86 -2.06 -12.89 -27.37
N ARG B 87 -1.54 -11.88 -28.09
CA ARG B 87 -0.16 -11.43 -27.88
C ARG B 87 0.03 -10.61 -26.59
N TYR B 88 -1.02 -9.89 -26.20
CA TYR B 88 -1.05 -9.21 -24.91
C TYR B 88 -0.86 -10.21 -23.75
N VAL B 89 -1.64 -11.28 -23.77
CA VAL B 89 -1.56 -12.30 -22.72
C VAL B 89 -0.20 -12.98 -22.77
N GLN B 90 0.25 -13.31 -23.98
CA GLN B 90 1.51 -14.03 -24.16
C GLN B 90 2.76 -13.22 -23.84
N ASN B 91 2.80 -11.96 -24.29
CA ASN B 91 4.02 -11.17 -24.16
C ASN B 91 4.02 -10.17 -22.99
N VAL B 92 2.86 -9.91 -22.41
CA VAL B 92 2.77 -8.95 -21.33
C VAL B 92 2.33 -9.58 -20.01
N ILE B 93 1.23 -10.32 -20.03
CA ILE B 93 0.72 -10.92 -18.79
C ILE B 93 1.58 -12.08 -18.31
N ILE B 94 1.78 -13.08 -19.18
CA ILE B 94 2.49 -14.31 -18.82
C ILE B 94 3.89 -14.07 -18.22
N PRO B 95 4.64 -13.11 -18.77
CA PRO B 95 5.93 -12.80 -18.12
C PRO B 95 5.76 -12.39 -16.65
N LEU B 96 4.56 -11.93 -16.28
CA LEU B 96 4.33 -11.44 -14.92
C LEU B 96 3.60 -12.48 -14.10
N LEU B 97 2.73 -13.23 -14.75
CA LEU B 97 1.81 -14.08 -14.04
C LEU B 97 2.31 -15.52 -13.95
N GLY B 98 3.16 -15.92 -14.89
CA GLY B 98 3.57 -17.31 -15.01
C GLY B 98 2.66 -17.98 -16.02
N PRO B 99 3.21 -18.87 -16.84
CA PRO B 99 2.45 -19.51 -17.91
C PRO B 99 1.58 -20.69 -17.46
N LYS B 100 1.83 -21.21 -16.27
CA LYS B 100 1.25 -22.49 -15.84
C LYS B 100 -0.27 -22.57 -15.86
N HIS B 101 -0.93 -21.51 -15.37
CA HIS B 101 -2.38 -21.50 -15.25
C HIS B 101 -3.01 -20.54 -16.25
N VAL B 102 -2.29 -20.23 -17.32
CA VAL B 102 -2.75 -19.28 -18.29
C VAL B 102 -2.68 -19.88 -19.69
N ASP B 103 -3.69 -19.62 -20.51
CA ASP B 103 -3.53 -19.84 -21.94
C ASP B 103 -4.10 -18.70 -22.77
N ALA B 104 -3.28 -18.25 -23.72
CA ALA B 104 -3.63 -17.18 -24.64
C ALA B 104 -4.69 -17.63 -25.64
N GLY B 105 -4.83 -18.94 -25.80
CA GLY B 105 -5.89 -19.50 -26.63
C GLY B 105 -5.52 -19.64 -28.10
N VAL B 106 -6.36 -20.35 -28.84
CA VAL B 106 -6.13 -20.60 -30.27
C VAL B 106 -7.12 -19.86 -31.15
N ARG B 107 -6.60 -19.10 -32.12
CA ARG B 107 -7.44 -18.33 -33.03
C ARG B 107 -8.11 -19.22 -34.06
N VAL B 108 -9.40 -18.97 -34.33
CA VAL B 108 -10.10 -19.73 -35.35
C VAL B 108 -10.90 -18.81 -36.27
N SER B 109 -10.90 -19.12 -37.56
CA SER B 109 -11.61 -18.32 -38.55
C SER B 109 -13.11 -18.55 -38.43
N VAL B 110 -13.88 -17.48 -38.56
CA VAL B 110 -15.34 -17.60 -38.55
C VAL B 110 -15.95 -16.72 -39.63
N SER B 111 -17.02 -17.19 -40.25
CA SER B 111 -17.70 -16.40 -41.23
C SER B 111 -18.63 -15.41 -40.54
N LYS B 112 -19.04 -14.38 -41.28
CA LYS B 112 -20.00 -13.43 -40.78
C LYS B 112 -21.32 -14.13 -40.44
N GLU B 113 -21.73 -15.04 -41.30
CA GLU B 113 -22.99 -15.77 -41.10
C GLU B 113 -22.94 -16.66 -39.85
N PHE B 114 -21.79 -17.27 -39.59
CA PHE B 114 -21.64 -18.03 -38.35
C PHE B 114 -21.91 -17.13 -37.16
N LEU B 115 -21.31 -15.95 -37.19
CA LEU B 115 -21.45 -15.00 -36.09
C LEU B 115 -22.88 -14.53 -35.91
N GLU B 116 -23.51 -14.14 -37.02
CA GLU B 116 -24.90 -13.68 -36.98
C GLU B 116 -25.80 -14.76 -36.40
N CYS B 117 -25.54 -16.00 -36.81
CA CYS B 117 -26.34 -17.15 -36.44
C CYS B 117 -26.19 -17.50 -34.96
N VAL B 118 -24.95 -17.54 -34.50
CA VAL B 118 -24.67 -17.72 -33.08
C VAL B 118 -25.40 -16.64 -32.30
N ASP B 119 -25.14 -15.40 -32.70
CA ASP B 119 -25.77 -14.23 -32.11
C ASP B 119 -27.27 -14.44 -31.93
N LYS B 120 -27.95 -14.84 -32.99
CA LYS B 120 -29.39 -15.00 -32.91
C LYS B 120 -29.80 -16.22 -32.09
N LYS B 121 -29.12 -17.34 -32.30
CA LYS B 121 -29.45 -18.58 -31.62
C LYS B 121 -29.45 -18.46 -30.09
N VAL B 122 -28.57 -17.63 -29.53
CA VAL B 122 -28.41 -17.56 -28.07
C VAL B 122 -29.10 -16.36 -27.44
N THR B 123 -29.68 -15.52 -28.28
CA THR B 123 -30.29 -14.28 -27.82
C THR B 123 -31.24 -14.47 -26.64
N LYS B 124 -31.97 -15.57 -26.63
CA LYS B 124 -33.04 -15.77 -25.67
C LYS B 124 -32.49 -16.16 -24.30
N GLN B 125 -31.22 -16.53 -24.26
CA GLN B 125 -30.61 -16.93 -23.00
C GLN B 125 -29.76 -15.80 -22.41
N ARG B 126 -29.53 -14.76 -23.21
CA ARG B 126 -28.75 -13.63 -22.75
C ARG B 126 -29.62 -12.72 -21.88
N PRO B 127 -29.04 -12.12 -20.84
CA PRO B 127 -29.76 -11.12 -20.07
C PRO B 127 -30.20 -9.97 -20.97
N LEU B 128 -31.44 -9.52 -20.79
CA LEU B 128 -31.98 -8.39 -21.54
C LEU B 128 -31.01 -7.20 -21.60
N TRP B 129 -30.48 -6.80 -20.44
CA TRP B 129 -29.57 -5.66 -20.42
C TRP B 129 -28.28 -5.89 -21.20
N ARG B 130 -27.82 -7.14 -21.27
CA ARG B 130 -26.62 -7.44 -22.06
C ARG B 130 -26.89 -7.21 -23.55
N VAL B 131 -28.03 -7.69 -24.03
CA VAL B 131 -28.42 -7.50 -25.41
C VAL B 131 -28.60 -6.01 -25.70
N ASN B 132 -29.20 -5.29 -24.76
CA ASN B 132 -29.35 -3.85 -24.92
C ASN B 132 -28.00 -3.18 -25.21
N ALA B 133 -26.98 -3.59 -24.47
CA ALA B 133 -25.70 -2.89 -24.47
C ALA B 133 -24.75 -3.28 -25.59
N ALA B 134 -24.84 -4.52 -26.07
CA ALA B 134 -23.83 -5.06 -26.97
C ALA B 134 -24.20 -6.41 -27.57
N ASN B 135 -23.94 -6.58 -28.85
CA ASN B 135 -24.12 -7.89 -29.47
C ASN B 135 -22.80 -8.38 -30.04
N VAL B 136 -22.83 -9.56 -30.63
CA VAL B 136 -21.67 -10.09 -31.34
C VAL B 136 -21.17 -9.09 -32.39
N ASP B 137 -19.87 -8.86 -32.42
CA ASP B 137 -19.31 -8.01 -33.44
C ASP B 137 -19.13 -8.85 -34.70
N THR B 138 -20.10 -8.75 -35.62
CA THR B 138 -20.10 -9.58 -36.81
C THR B 138 -19.10 -9.11 -37.87
N SER B 139 -18.33 -8.08 -37.56
CA SER B 139 -17.29 -7.62 -38.48
C SER B 139 -15.97 -8.36 -38.27
N HIS B 140 -15.88 -9.17 -37.23
CA HIS B 140 -14.62 -9.87 -36.94
C HIS B 140 -14.52 -11.16 -37.75
N ASP B 141 -13.30 -11.54 -38.13
CA ASP B 141 -13.13 -12.72 -38.98
C ASP B 141 -12.54 -13.89 -38.21
N SER B 142 -12.23 -13.66 -36.94
CA SER B 142 -11.68 -14.69 -36.07
C SER B 142 -12.38 -14.69 -34.72
N ALA B 143 -12.30 -15.82 -34.03
CA ALA B 143 -12.73 -15.92 -32.63
C ALA B 143 -11.66 -16.70 -31.86
N LEU B 144 -11.81 -16.83 -30.55
CA LEU B 144 -10.82 -17.57 -29.75
C LEU B 144 -11.37 -18.86 -29.14
N ILE B 145 -10.65 -19.95 -29.39
CA ILE B 145 -10.99 -21.24 -28.83
C ILE B 145 -10.15 -21.48 -27.58
N LEU B 146 -10.81 -21.89 -26.50
CA LEU B 146 -10.12 -22.10 -25.23
C LEU B 146 -10.52 -23.44 -24.69
N ASN B 147 -9.66 -24.05 -23.90
CA ASN B 147 -10.03 -25.27 -23.22
C ASN B 147 -11.16 -24.92 -22.27
N ASP B 148 -12.16 -25.79 -22.21
CA ASP B 148 -13.29 -25.59 -21.31
C ASP B 148 -12.90 -26.04 -19.91
N HIS B 149 -12.67 -25.08 -19.02
CA HIS B 149 -12.17 -25.40 -17.68
C HIS B 149 -13.25 -25.96 -16.76
N SER B 150 -14.47 -26.07 -17.29
CA SER B 150 -15.53 -26.71 -16.55
C SER B 150 -15.42 -28.23 -16.68
N LEU B 151 -14.51 -28.70 -17.53
CA LEU B 151 -14.21 -30.13 -17.59
C LEU B 151 -12.76 -30.44 -17.16
N PHE B 152 -12.62 -31.40 -16.26
CA PHE B 152 -11.35 -31.65 -15.58
C PHE B 152 -10.21 -31.94 -16.55
N SER B 153 -10.42 -32.88 -17.46
CA SER B 153 -9.44 -33.11 -18.52
C SER B 153 -10.11 -33.48 -19.84
N GLN B 154 -9.34 -33.50 -20.91
CA GLN B 154 -9.88 -33.67 -22.25
C GLN B 154 -9.57 -35.04 -22.83
N GLY B 155 -10.61 -35.84 -23.02
CA GLY B 155 -10.48 -37.22 -23.49
C GLY B 155 -11.24 -38.16 -22.57
N GLY B 159 -12.62 -39.72 -15.13
CA GLY B 159 -13.25 -39.72 -13.82
C GLY B 159 -14.76 -39.72 -13.94
N GLY B 160 -15.42 -38.93 -13.10
CA GLY B 160 -16.87 -38.79 -13.16
C GLY B 160 -17.25 -37.31 -13.18
N ASP B 161 -18.12 -36.92 -12.24
CA ASP B 161 -18.54 -35.54 -12.15
C ASP B 161 -17.34 -34.61 -12.03
N CYS B 162 -17.39 -33.50 -12.76
CA CYS B 162 -16.47 -32.43 -12.51
C CYS B 162 -17.24 -31.25 -11.98
N ILE B 163 -16.88 -30.80 -10.79
CA ILE B 163 -17.38 -29.52 -10.30
C ILE B 163 -16.28 -28.51 -10.47
N SER B 164 -16.60 -27.41 -11.12
CA SER B 164 -15.64 -26.34 -11.27
C SER B 164 -16.23 -25.08 -10.70
N VAL B 165 -15.37 -24.24 -10.17
CA VAL B 165 -15.80 -23.05 -9.47
C VAL B 165 -15.11 -21.84 -10.08
N GLU B 166 -15.90 -20.86 -10.49
CA GLU B 166 -15.36 -19.63 -11.05
C GLU B 166 -15.39 -18.56 -9.97
N ILE B 167 -14.26 -17.90 -9.75
CA ILE B 167 -14.23 -16.75 -8.85
C ILE B 167 -13.70 -15.54 -9.58
N LYS B 168 -14.43 -14.44 -9.48
CA LYS B 168 -13.98 -13.16 -9.98
C LYS B 168 -13.66 -12.36 -8.75
N PRO B 169 -12.38 -12.38 -8.31
CA PRO B 169 -12.03 -11.91 -6.98
C PRO B 169 -12.01 -10.39 -6.79
N LYS B 170 -11.96 -9.64 -7.90
CA LYS B 170 -11.75 -8.19 -7.87
C LYS B 170 -10.46 -7.74 -7.17
N CYS B 171 -10.37 -6.47 -6.80
CA CYS B 171 -9.11 -5.92 -6.27
C CYS B 171 -8.87 -6.29 -4.81
N GLY B 172 -7.72 -6.90 -4.55
CA GLY B 172 -7.40 -7.41 -3.22
C GLY B 172 -6.53 -6.56 -2.31
N PHE B 173 -6.36 -5.27 -2.61
CA PHE B 173 -5.58 -4.42 -1.70
C PHE B 173 -6.15 -3.01 -1.58
N LEU B 174 -5.63 -2.26 -0.61
CA LEU B 174 -6.07 -0.90 -0.35
C LEU B 174 -5.06 0.10 -0.90
N PRO B 175 -5.55 1.18 -1.54
CA PRO B 175 -4.63 2.20 -2.02
C PRO B 175 -3.89 2.89 -0.85
N THR B 176 -2.71 3.41 -1.17
CA THR B 176 -1.80 3.97 -0.18
C THR B 176 -1.28 5.31 -0.70
N SER B 177 -1.82 5.73 -1.84
CA SER B 177 -1.27 6.81 -2.64
C SER B 177 -1.20 8.17 -1.96
N ARG B 178 -0.09 8.86 -2.16
CA ARG B 178 0.06 10.23 -1.71
C ARG B 178 -0.80 11.14 -2.58
N PHE B 179 -1.40 10.57 -3.62
CA PHE B 179 -2.17 11.35 -4.59
C PHE B 179 -3.67 11.34 -4.34
N ILE B 180 -4.09 10.67 -3.27
CA ILE B 180 -5.52 10.64 -2.93
C ILE B 180 -5.95 11.95 -2.27
N GLY B 181 -6.98 12.58 -2.84
CA GLY B 181 -7.46 13.89 -2.39
C GLY B 181 -8.01 13.90 -0.98
N LYS B 182 -8.04 15.10 -0.38
CA LYS B 182 -8.33 15.24 1.06
C LYS B 182 -9.56 14.52 1.59
N GLU B 183 -10.70 14.71 0.95
CA GLU B 183 -11.92 14.10 1.46
C GLU B 183 -12.12 12.67 0.98
N ASN B 184 -11.18 12.17 0.19
CA ASN B 184 -11.29 10.84 -0.40
C ASN B 184 -10.45 9.79 0.32
N MET B 185 -9.98 10.13 1.51
CA MET B 185 -9.07 9.26 2.24
C MET B 185 -9.76 8.01 2.78
N LEU B 186 -11.08 7.99 2.73
CA LEU B 186 -11.81 6.83 3.21
C LEU B 186 -11.51 5.61 2.34
N LYS B 187 -11.01 5.84 1.12
CA LYS B 187 -10.64 4.72 0.28
C LYS B 187 -9.32 4.09 0.70
N THR B 188 -8.67 4.73 1.67
CA THR B 188 -7.46 4.19 2.26
C THR B 188 -7.81 3.08 3.25
N SER B 189 -9.08 3.03 3.64
CA SER B 189 -9.51 2.11 4.70
C SER B 189 -10.51 1.07 4.22
N VAL B 190 -11.29 1.41 3.21
CA VAL B 190 -12.39 0.57 2.76
C VAL B 190 -12.15 0.11 1.33
N SER B 191 -12.30 -1.20 1.09
CA SER B 191 -12.02 -1.74 -0.23
C SER B 191 -12.89 -1.06 -1.28
N ARG B 192 -12.35 -0.90 -2.48
CA ARG B 192 -13.13 -0.45 -3.60
C ARG B 192 -14.39 -1.30 -3.77
N PHE B 193 -14.24 -2.61 -3.64
CA PHE B 193 -15.38 -3.51 -3.81
C PHE B 193 -16.53 -3.17 -2.88
N LYS B 194 -16.21 -2.99 -1.60
CA LYS B 194 -17.24 -2.68 -0.61
C LYS B 194 -17.96 -1.37 -0.93
N MET B 195 -17.19 -0.33 -1.27
CA MET B 195 -17.78 0.96 -1.61
C MET B 195 -18.64 0.86 -2.87
N HIS B 196 -18.16 0.10 -3.84
CA HIS B 196 -18.86 0.00 -5.11
C HIS B 196 -20.25 -0.64 -4.91
N GLN B 197 -20.34 -1.60 -4.01
CA GLN B 197 -21.60 -2.28 -3.72
C GLN B 197 -22.73 -1.29 -3.44
N LEU B 198 -22.41 -0.24 -2.67
CA LEU B 198 -23.41 0.76 -2.31
C LEU B 198 -23.97 1.46 -3.52
N LEU B 199 -23.10 1.80 -4.45
CA LEU B 199 -23.52 2.47 -5.67
C LEU B 199 -24.35 1.53 -6.54
N LYS B 200 -23.85 0.32 -6.78
CA LYS B 200 -24.57 -0.67 -7.56
C LYS B 200 -25.99 -0.83 -7.02
N LEU B 201 -26.10 -0.82 -5.71
CA LEU B 201 -27.39 -0.93 -5.05
C LEU B 201 -28.25 0.26 -5.43
N GLU B 202 -27.72 1.45 -5.17
CA GLU B 202 -28.44 2.66 -5.51
C GLU B 202 -28.87 2.64 -6.97
N TYR B 203 -28.07 2.01 -7.83
CA TYR B 203 -28.36 2.00 -9.26
C TYR B 203 -29.11 0.76 -9.72
N ILE B 204 -29.56 -0.05 -8.77
CA ILE B 204 -30.37 -1.21 -9.11
C ILE B 204 -29.62 -2.24 -9.94
N GLU B 205 -28.31 -2.35 -9.72
CA GLU B 205 -27.53 -3.34 -10.46
C GLU B 205 -27.33 -4.60 -9.63
N ILE B 206 -27.83 -4.55 -8.40
CA ILE B 206 -27.82 -5.70 -7.51
C ILE B 206 -28.99 -5.53 -6.54
N SER B 207 -29.48 -6.63 -5.97
CA SER B 207 -30.65 -6.55 -5.08
C SER B 207 -30.26 -6.41 -3.61
N GLU B 208 -29.00 -6.65 -3.30
CA GLU B 208 -28.56 -6.46 -1.94
C GLU B 208 -27.05 -6.42 -1.88
N GLU B 209 -26.52 -5.85 -0.81
CA GLU B 209 -25.08 -5.72 -0.62
C GLU B 209 -24.43 -7.11 -0.47
N SER B 210 -23.33 -7.31 -1.18
CA SER B 210 -22.60 -8.57 -1.05
C SER B 210 -21.92 -8.67 0.31
N GLU B 211 -21.73 -9.89 0.77
CA GLU B 211 -20.99 -10.12 2.01
C GLU B 211 -19.50 -10.28 1.74
N TYR B 212 -19.13 -10.44 0.47
CA TYR B 212 -17.75 -10.74 0.11
C TYR B 212 -16.81 -9.54 0.23
N ASP B 213 -15.62 -9.80 0.78
CA ASP B 213 -14.55 -8.80 0.92
C ASP B 213 -13.26 -9.39 0.36
N PRO B 214 -12.77 -8.84 -0.77
CA PRO B 214 -11.58 -9.40 -1.41
C PRO B 214 -10.35 -9.38 -0.51
N LEU B 215 -10.30 -8.47 0.46
CA LEU B 215 -9.15 -8.40 1.36
C LEU B 215 -9.06 -9.69 2.15
N ASP B 216 -10.22 -10.26 2.48
CA ASP B 216 -10.28 -11.56 3.11
C ASP B 216 -9.73 -12.62 2.17
N LEU B 217 -10.15 -12.59 0.92
CA LEU B 217 -9.76 -13.63 -0.03
C LEU B 217 -8.26 -13.61 -0.26
N PHE B 218 -7.69 -12.40 -0.34
CA PHE B 218 -6.30 -12.23 -0.72
C PHE B 218 -5.35 -12.20 0.47
N SER B 219 -5.85 -12.51 1.66
CA SER B 219 -5.10 -12.29 2.89
C SER B 219 -3.99 -13.30 3.23
N GLY B 220 -4.06 -14.50 2.68
CA GLY B 220 -3.11 -15.54 3.04
C GLY B 220 -3.49 -16.20 4.35
N SER B 221 -4.63 -15.79 4.89
CA SER B 221 -5.16 -16.36 6.12
C SER B 221 -6.21 -17.43 5.79
N LYS B 222 -5.97 -18.64 6.29
CA LYS B 222 -6.83 -19.79 6.08
C LYS B 222 -8.28 -19.47 6.43
N GLU B 223 -8.47 -18.95 7.64
CA GLU B 223 -9.80 -18.61 8.15
C GLU B 223 -10.49 -17.51 7.35
N ARG B 224 -9.71 -16.52 6.89
CA ARG B 224 -10.30 -15.38 6.19
C ARG B 224 -10.68 -15.78 4.78
N VAL B 225 -9.93 -16.72 4.23
CA VAL B 225 -10.24 -17.27 2.92
C VAL B 225 -11.59 -18.00 3.00
N LEU B 226 -11.75 -18.88 3.98
CA LEU B 226 -13.00 -19.60 4.16
C LEU B 226 -14.15 -18.62 4.32
N GLU B 227 -13.95 -17.56 5.11
CA GLU B 227 -15.00 -16.59 5.28
C GLU B 227 -15.35 -15.97 3.94
N ALA B 228 -14.34 -15.67 3.13
CA ALA B 228 -14.62 -15.13 1.81
C ALA B 228 -15.44 -16.14 0.99
N ILE B 229 -15.03 -17.41 0.99
CA ILE B 229 -15.77 -18.42 0.21
C ILE B 229 -17.23 -18.53 0.66
N LYS B 230 -17.47 -18.57 1.96
CA LYS B 230 -18.84 -18.59 2.47
C LYS B 230 -19.65 -17.34 2.11
N ALA B 231 -19.01 -16.17 2.09
CA ALA B 231 -19.69 -14.95 1.66
C ALA B 231 -20.00 -15.01 0.16
N LEU B 232 -19.11 -15.59 -0.64
CA LEU B 232 -19.36 -15.68 -2.08
C LEU B 232 -20.57 -16.58 -2.37
N TYR B 233 -20.64 -17.69 -1.64
CA TYR B 233 -21.79 -18.58 -1.73
C TYR B 233 -23.09 -17.88 -1.31
N SER B 234 -23.07 -17.13 -0.21
CA SER B 234 -24.30 -16.45 0.25
C SER B 234 -24.79 -15.42 -0.76
N THR B 235 -23.86 -14.65 -1.33
CA THR B 235 -24.19 -13.60 -2.28
C THR B 235 -23.19 -13.63 -3.44
N PRO B 236 -23.45 -14.48 -4.44
CA PRO B 236 -22.50 -14.67 -5.56
C PRO B 236 -22.36 -13.43 -6.44
N GLN B 237 -23.38 -12.57 -6.49
CA GLN B 237 -23.43 -11.52 -7.50
C GLN B 237 -22.83 -12.08 -8.79
N ASN B 238 -21.80 -11.40 -9.28
CA ASN B 238 -21.09 -11.88 -10.46
C ASN B 238 -19.68 -12.33 -10.12
N ASN B 239 -19.46 -12.62 -8.84
CA ASN B 239 -18.14 -12.99 -8.33
C ASN B 239 -17.97 -14.49 -8.09
N PHE B 240 -19.06 -15.24 -8.19
CA PHE B 240 -19.01 -16.67 -7.86
C PHE B 240 -19.96 -17.47 -8.76
N ARG B 241 -19.43 -18.53 -9.37
CA ARG B 241 -20.22 -19.47 -10.16
C ARG B 241 -19.73 -20.88 -9.92
N VAL B 242 -20.66 -21.83 -10.00
CA VAL B 242 -20.33 -23.24 -9.90
C VAL B 242 -20.99 -24.00 -11.04
N PHE B 243 -20.23 -24.91 -11.65
CA PHE B 243 -20.74 -25.70 -12.77
C PHE B 243 -20.61 -27.19 -12.42
N LEU B 244 -21.61 -27.98 -12.82
CA LEU B 244 -21.56 -29.43 -12.72
C LEU B 244 -21.44 -29.99 -14.13
N ASN B 245 -20.27 -30.45 -14.51
CA ASN B 245 -20.05 -30.96 -15.86
C ASN B 245 -20.42 -29.91 -16.90
N GLY B 246 -20.01 -28.67 -16.66
CA GLY B 246 -20.31 -27.60 -17.59
C GLY B 246 -21.67 -26.93 -17.41
N SER B 247 -22.55 -27.47 -16.57
CA SER B 247 -23.86 -26.84 -16.32
C SER B 247 -23.87 -25.93 -15.10
N LEU B 248 -24.27 -24.67 -15.30
CA LEU B 248 -24.34 -23.73 -14.20
C LEU B 248 -25.30 -24.25 -13.11
N ILE B 249 -24.78 -24.46 -11.91
CA ILE B 249 -25.63 -24.85 -10.78
C ILE B 249 -25.63 -23.82 -9.63
N LEU B 250 -24.77 -22.81 -9.72
CA LEU B 250 -24.85 -21.67 -8.79
C LEU B 250 -24.28 -20.42 -9.43
N GLY B 251 -24.92 -19.29 -9.17
CA GLY B 251 -24.48 -18.01 -9.72
C GLY B 251 -25.28 -17.61 -10.94
N GLY B 252 -24.94 -16.48 -11.54
CA GLY B 252 -25.76 -15.91 -12.60
C GLY B 252 -25.29 -16.31 -13.99
N SER B 253 -26.21 -16.32 -14.95
CA SER B 253 -25.86 -16.67 -16.32
C SER B 253 -25.73 -15.42 -17.17
N GLY B 254 -24.49 -15.02 -17.47
CA GLY B 254 -24.23 -13.79 -18.24
C GLY B 254 -24.33 -12.53 -17.39
N GLU B 255 -24.52 -12.71 -16.09
CA GLU B 255 -24.79 -11.58 -15.22
C GLU B 255 -24.71 -11.96 -13.73
N SER B 256 -24.74 -10.93 -12.91
CA SER B 256 -24.84 -11.05 -11.47
C SER B 256 -26.16 -11.74 -11.09
N THR B 257 -26.16 -12.52 -10.01
CA THR B 257 -27.42 -13.05 -9.49
C THR B 257 -27.68 -12.70 -8.04
N GLY B 258 -28.88 -12.99 -7.55
CA GLY B 258 -29.30 -12.59 -6.20
C GLY B 258 -28.84 -13.52 -5.08
N ARG B 259 -29.09 -13.08 -3.85
CA ARG B 259 -28.75 -13.86 -2.66
C ARG B 259 -29.18 -15.31 -2.74
N THR B 260 -28.36 -16.20 -2.18
CA THR B 260 -28.68 -17.61 -2.15
C THR B 260 -29.76 -17.86 -1.10
N SER B 261 -30.97 -18.16 -1.57
CA SER B 261 -32.09 -18.42 -0.69
C SER B 261 -32.07 -19.90 -0.32
N PRO B 262 -33.00 -20.31 0.53
CA PRO B 262 -33.13 -21.72 0.88
C PRO B 262 -33.47 -22.61 -0.31
N GLU B 263 -34.32 -22.13 -1.22
CA GLU B 263 -34.63 -22.86 -2.45
C GLU B 263 -33.42 -23.05 -3.34
N ILE B 264 -32.63 -21.98 -3.49
CA ILE B 264 -31.38 -22.08 -4.26
C ILE B 264 -30.41 -23.02 -3.54
N GLY B 265 -30.30 -22.86 -2.22
CA GLY B 265 -29.44 -23.73 -1.42
C GLY B 265 -29.82 -25.20 -1.51
N TYR B 266 -31.11 -25.47 -1.45
CA TYR B 266 -31.65 -26.82 -1.62
C TYR B 266 -31.25 -27.42 -2.96
N ALA B 267 -31.42 -26.65 -4.04
CA ALA B 267 -31.10 -27.14 -5.38
C ALA B 267 -29.60 -27.47 -5.49
N PHE B 268 -28.76 -26.55 -5.01
CA PHE B 268 -27.30 -26.73 -5.03
C PHE B 268 -26.84 -27.90 -4.16
N GLU B 269 -27.38 -28.01 -2.95
CA GLU B 269 -27.09 -29.12 -2.06
C GLU B 269 -27.38 -30.44 -2.79
N ASP B 270 -28.49 -30.47 -3.52
CA ASP B 270 -28.87 -31.67 -4.24
C ASP B 270 -27.98 -31.94 -5.45
N ALA B 271 -27.61 -30.86 -6.15
CA ALA B 271 -26.73 -30.96 -7.31
C ALA B 271 -25.40 -31.63 -6.94
N LEU B 272 -24.97 -31.45 -5.70
CA LEU B 272 -23.68 -31.97 -5.24
C LEU B 272 -23.70 -33.46 -4.94
N LYS B 273 -24.83 -34.14 -5.14
CA LYS B 273 -24.99 -35.54 -4.75
C LYS B 273 -23.98 -36.46 -5.43
N GLY B 274 -23.66 -36.16 -6.68
CA GLY B 274 -22.73 -37.00 -7.44
C GLY B 274 -21.26 -36.70 -7.21
N PHE B 275 -20.97 -35.88 -6.20
CA PHE B 275 -19.62 -35.36 -6.03
C PHE B 275 -19.16 -35.48 -4.57
N ILE B 276 -20.03 -35.07 -3.66
CA ILE B 276 -19.72 -35.18 -2.23
C ILE B 276 -20.59 -36.26 -1.59
N GLN B 277 -19.92 -37.34 -1.17
CA GLN B 277 -20.62 -38.55 -0.70
C GLN B 277 -21.09 -38.49 0.75
N SER B 278 -21.94 -37.52 1.07
CA SER B 278 -22.72 -37.58 2.30
C SER B 278 -24.19 -37.36 1.99
N GLU B 279 -25.06 -37.70 2.94
CA GLU B 279 -26.49 -37.47 2.82
C GLU B 279 -26.91 -36.33 3.73
N ASP B 280 -26.37 -36.36 4.95
CA ASP B 280 -26.74 -35.43 6.03
C ASP B 280 -26.92 -33.98 5.61
N GLY B 281 -27.27 -33.74 4.35
CA GLY B 281 -27.39 -32.38 3.84
C GLY B 281 -26.27 -31.47 4.32
N HIS B 282 -25.06 -32.00 4.35
CA HIS B 282 -23.87 -31.27 4.75
C HIS B 282 -22.93 -31.09 3.56
N ARG B 283 -23.41 -31.42 2.36
CA ARG B 283 -22.57 -31.36 1.17
C ARG B 283 -22.05 -29.96 0.91
N THR B 284 -22.96 -28.99 1.00
CA THR B 284 -22.60 -27.61 0.74
C THR B 284 -21.46 -27.16 1.64
N GLU B 285 -21.60 -27.36 2.95
CA GLU B 285 -20.56 -26.92 3.87
C GLU B 285 -19.21 -27.55 3.53
N CYS B 286 -19.22 -28.85 3.21
CA CYS B 286 -17.99 -29.54 2.78
C CYS B 286 -17.42 -28.94 1.50
N PHE B 287 -18.31 -28.66 0.54
CA PHE B 287 -17.93 -28.01 -0.72
C PHE B 287 -17.22 -26.67 -0.46
N LEU B 288 -17.80 -25.88 0.42
CA LEU B 288 -17.21 -24.58 0.73
C LEU B 288 -15.80 -24.73 1.30
N GLN B 289 -15.64 -25.62 2.29
CA GLN B 289 -14.32 -25.87 2.86
C GLN B 289 -13.33 -26.27 1.79
N LEU B 290 -13.75 -27.18 0.93
CA LEU B 290 -12.92 -27.70 -0.13
C LEU B 290 -12.40 -26.61 -1.10
N VAL B 291 -13.29 -25.73 -1.52
CA VAL B 291 -12.91 -24.61 -2.36
C VAL B 291 -11.93 -23.69 -1.63
N SER B 292 -12.16 -23.50 -0.33
CA SER B 292 -11.25 -22.73 0.51
C SER B 292 -9.84 -23.30 0.52
N ASP B 293 -9.76 -24.60 0.78
CA ASP B 293 -8.49 -25.29 0.86
C ASP B 293 -7.77 -25.20 -0.46
N ALA B 294 -8.52 -25.29 -1.55
CA ALA B 294 -7.92 -25.18 -2.87
C ALA B 294 -7.39 -23.78 -3.11
N VAL B 295 -8.22 -22.77 -2.87
CA VAL B 295 -7.77 -21.39 -3.04
C VAL B 295 -6.53 -21.13 -2.18
N TYR B 296 -6.65 -21.43 -0.90
CA TYR B 296 -5.61 -21.16 0.09
C TYR B 296 -4.39 -22.04 -0.15
N GLY B 297 -4.63 -23.30 -0.49
CA GLY B 297 -3.54 -24.23 -0.74
C GLY B 297 -2.76 -23.90 -2.00
N SER B 298 -3.47 -23.50 -3.05
CA SER B 298 -2.81 -23.23 -4.33
C SER B 298 -1.95 -21.96 -4.31
N GLY B 299 -2.35 -20.98 -3.50
CA GLY B 299 -1.66 -19.70 -3.46
C GLY B 299 -1.72 -18.93 -4.76
N VAL B 300 -2.66 -19.30 -5.62
CA VAL B 300 -2.73 -18.74 -6.96
C VAL B 300 -3.06 -17.26 -6.94
N LEU B 301 -3.65 -16.78 -5.85
CA LEU B 301 -4.01 -15.37 -5.75
C LEU B 301 -2.82 -14.44 -5.48
N ASP B 302 -1.79 -14.97 -4.82
CA ASP B 302 -0.63 -14.14 -4.46
C ASP B 302 -0.01 -13.48 -5.68
N ARG B 303 0.17 -14.26 -6.74
CA ARG B 303 0.80 -13.77 -7.96
C ARG B 303 -0.10 -12.76 -8.65
N LEU B 304 -1.41 -13.02 -8.65
CA LEU B 304 -2.38 -12.09 -9.25
C LEU B 304 -2.41 -10.77 -8.49
N LEU B 305 -2.34 -10.85 -7.17
CA LEU B 305 -2.34 -9.65 -6.34
C LEU B 305 -1.16 -8.74 -6.68
N GLU B 306 -0.01 -9.35 -6.95
CA GLU B 306 1.18 -8.59 -7.31
C GLU B 306 0.93 -7.79 -8.58
N ILE B 307 0.19 -8.37 -9.52
CA ILE B 307 -0.11 -7.66 -10.75
C ILE B 307 -1.08 -6.52 -10.48
N GLN B 308 -2.06 -6.76 -9.61
CA GLN B 308 -3.03 -5.73 -9.25
C GLN B 308 -2.31 -4.51 -8.67
N LYS B 309 -1.26 -4.76 -7.90
CA LYS B 309 -0.53 -3.69 -7.23
C LYS B 309 0.34 -2.87 -8.19
N LEU B 310 0.37 -3.23 -9.47
CA LEU B 310 1.07 -2.38 -10.43
C LEU B 310 0.35 -1.06 -10.56
N ASP B 311 -0.87 -1.01 -10.03
CA ASP B 311 -1.56 0.26 -9.89
C ASP B 311 -1.01 0.96 -8.65
N LYS B 312 0.19 1.51 -8.79
CA LYS B 312 0.96 1.98 -7.64
C LYS B 312 0.47 3.30 -7.05
N LEU B 313 -0.18 4.12 -7.86
CA LEU B 313 -0.48 5.51 -7.48
C LEU B 313 -1.96 5.77 -7.27
N ASP B 314 -2.79 4.81 -7.67
CA ASP B 314 -4.24 4.99 -7.73
C ASP B 314 -4.65 5.82 -8.94
N ILE B 315 -5.89 5.67 -9.37
CA ILE B 315 -6.39 6.42 -10.52
C ILE B 315 -6.23 7.94 -10.30
N GLU B 316 -6.37 8.39 -9.07
CA GLU B 316 -6.21 9.80 -8.75
C GLU B 316 -4.80 10.32 -9.06
N GLY B 317 -3.80 9.44 -8.98
CA GLY B 317 -2.46 9.83 -9.41
C GLY B 317 -2.27 9.63 -10.91
N ALA B 318 -2.59 8.43 -11.38
CA ALA B 318 -2.26 8.00 -12.74
C ALA B 318 -3.03 8.75 -13.83
N ILE B 319 -4.13 9.37 -13.45
CA ILE B 319 -4.90 10.15 -14.40
C ILE B 319 -4.12 11.37 -14.91
N HIS B 320 -3.16 11.84 -14.12
CA HIS B 320 -2.33 12.96 -14.55
C HIS B 320 -1.33 12.54 -15.62
N CYS B 321 -0.79 11.34 -15.48
CA CYS B 321 0.10 10.77 -16.49
C CYS B 321 -0.66 10.50 -17.79
N TYR B 322 -1.92 10.11 -17.67
CA TYR B 322 -2.73 9.84 -18.85
C TYR B 322 -2.65 11.04 -19.80
N TYR B 323 -2.95 12.23 -19.27
CA TYR B 323 -2.94 13.45 -20.08
C TYR B 323 -1.59 13.80 -20.67
N ASP B 324 -0.51 13.46 -19.99
CA ASP B 324 0.81 13.65 -20.57
C ASP B 324 1.04 12.67 -21.72
N ILE B 325 0.52 11.45 -21.58
CA ILE B 325 0.69 10.43 -22.62
C ILE B 325 0.01 10.85 -23.92
N ILE B 326 -1.18 11.43 -23.81
CA ILE B 326 -1.94 11.83 -24.99
C ILE B 326 -1.58 13.26 -25.41
N ASN B 327 -0.57 13.81 -24.76
CA ASN B 327 -0.09 15.17 -25.03
C ASN B 327 -1.17 16.24 -25.03
N GLN B 328 -1.90 16.33 -23.93
CA GLN B 328 -2.93 17.34 -23.75
C GLN B 328 -2.82 17.93 -22.34
N PRO B 329 -2.64 19.25 -22.25
CA PRO B 329 -2.54 19.83 -20.92
C PRO B 329 -3.54 19.17 -19.97
N CYS B 330 -3.09 18.88 -18.74
CA CYS B 330 -3.93 18.17 -17.76
C CYS B 330 -5.05 19.06 -17.25
N PRO B 331 -6.28 18.54 -17.27
CA PRO B 331 -7.44 19.27 -16.78
C PRO B 331 -7.81 18.89 -15.36
N ILE B 332 -6.94 18.15 -14.67
CA ILE B 332 -7.21 17.81 -13.28
C ILE B 332 -6.32 18.65 -12.35
N CYS B 333 -5.12 18.96 -12.82
CA CYS B 333 -4.26 19.91 -12.14
C CYS B 333 -4.84 21.30 -12.31
N LYS B 334 -5.31 21.57 -13.52
CA LYS B 334 -5.78 22.90 -13.90
C LYS B 334 -6.77 23.52 -12.92
N GLU B 335 -7.14 22.79 -11.87
CA GLU B 335 -7.94 23.36 -10.79
C GLU B 335 -7.09 24.28 -9.91
N GLY B 336 -5.84 24.49 -10.31
CA GLY B 336 -4.90 25.33 -9.56
C GLY B 336 -4.22 24.55 -8.44
N PRO B 338 -2.17 22.60 -7.20
CA PRO B 338 -1.99 21.15 -7.28
C PRO B 338 -0.99 20.66 -6.23
N LEU B 339 -0.58 19.40 -6.33
CA LEU B 339 0.34 18.80 -5.37
C LEU B 339 1.76 18.72 -5.95
N GLU B 340 2.76 18.81 -5.08
CA GLU B 340 4.15 18.69 -5.51
C GLU B 340 4.38 17.45 -6.36
N ALA B 341 4.00 16.29 -5.83
CA ALA B 341 4.19 15.03 -6.53
C ALA B 341 3.48 15.05 -7.88
N GLU B 342 2.41 15.84 -7.98
CA GLU B 342 1.69 15.99 -9.25
C GLU B 342 2.55 16.71 -10.28
N LEU B 343 3.18 17.80 -9.84
CA LEU B 343 4.12 18.52 -10.67
C LEU B 343 5.23 17.56 -11.08
N SER B 344 5.65 16.73 -10.14
CA SER B 344 6.67 15.73 -10.41
C SER B 344 6.16 14.75 -11.45
N LEU B 345 4.95 14.26 -11.27
CA LEU B 345 4.34 13.40 -12.26
C LEU B 345 4.58 14.03 -13.62
N HIS B 346 3.97 15.20 -13.80
CA HIS B 346 4.11 15.94 -15.05
C HIS B 346 5.57 16.31 -15.35
N ALA B 347 6.34 16.61 -14.31
CA ALA B 347 7.73 16.96 -14.50
C ALA B 347 8.57 15.74 -14.83
N LEU B 348 7.93 14.56 -14.85
CA LEU B 348 8.66 13.32 -15.09
C LEU B 348 8.79 13.06 -16.59
N PRO B 349 9.83 12.30 -16.97
CA PRO B 349 10.04 11.99 -18.38
C PRO B 349 8.79 11.37 -19.01
N LEU B 350 8.75 11.34 -20.33
CA LEU B 350 7.63 10.74 -21.03
C LEU B 350 7.61 9.25 -20.76
N ASP B 351 8.78 8.61 -20.82
CA ASP B 351 8.87 7.18 -20.62
C ASP B 351 8.28 6.75 -19.28
N GLU B 352 8.68 7.45 -18.23
CA GLU B 352 8.14 7.18 -16.90
C GLU B 352 6.61 7.27 -16.96
N SER B 353 6.12 8.36 -17.55
CA SER B 353 4.67 8.55 -17.68
C SER B 353 4.02 7.38 -18.43
N LEU B 354 4.73 6.82 -19.41
CA LEU B 354 4.20 5.70 -20.18
C LEU B 354 4.17 4.43 -19.32
N LYS B 355 5.20 4.26 -18.49
CA LYS B 355 5.25 3.21 -17.49
C LYS B 355 4.00 3.20 -16.63
N ILE B 356 3.77 4.31 -15.94
CA ILE B 356 2.67 4.44 -15.00
C ILE B 356 1.33 4.00 -15.60
N VAL B 357 1.02 4.51 -16.78
CA VAL B 357 -0.28 4.25 -17.40
C VAL B 357 -0.36 2.83 -17.93
N LYS B 358 0.72 2.38 -18.53
CA LYS B 358 0.81 1.01 -19.01
C LYS B 358 0.57 0.04 -17.85
N GLU B 359 1.35 0.20 -16.79
CA GLU B 359 1.21 -0.63 -15.60
C GLU B 359 -0.16 -0.47 -14.94
N TYR B 360 -0.77 0.70 -15.08
CA TYR B 360 -2.10 0.92 -14.56
C TYR B 360 -3.08 0.02 -15.28
N LEU B 361 -2.96 -0.04 -16.60
CA LEU B 361 -3.91 -0.82 -17.41
C LEU B 361 -3.67 -2.33 -17.26
N ILE B 362 -2.41 -2.74 -17.14
CA ILE B 362 -2.10 -4.11 -16.79
C ILE B 362 -2.78 -4.49 -15.47
N ALA B 363 -2.66 -3.63 -14.46
CA ALA B 363 -3.32 -3.86 -13.17
C ALA B 363 -4.84 -3.99 -13.35
N ALA B 364 -5.40 -3.21 -14.26
CA ALA B 364 -6.84 -3.27 -14.57
C ALA B 364 -7.24 -4.64 -15.12
N THR B 365 -6.43 -5.18 -16.03
CA THR B 365 -6.65 -6.54 -16.49
C THR B 365 -6.77 -7.47 -15.29
N ALA B 366 -5.77 -7.41 -14.40
CA ALA B 366 -5.67 -8.33 -13.26
C ALA B 366 -6.77 -8.12 -12.22
N LYS B 367 -7.28 -6.89 -12.10
CA LYS B 367 -8.37 -6.59 -11.16
C LYS B 367 -9.71 -7.16 -11.62
N ASP B 368 -9.81 -7.48 -12.90
CA ASP B 368 -11.12 -7.85 -13.48
C ASP B 368 -11.16 -9.28 -14.01
N CYS B 369 -10.09 -10.03 -13.84
CA CYS B 369 -10.06 -11.38 -14.35
C CYS B 369 -10.71 -12.33 -13.34
N SER B 370 -10.88 -13.58 -13.71
CA SER B 370 -11.25 -14.52 -12.67
C SER B 370 -10.44 -15.79 -12.77
N ILE B 371 -10.70 -16.70 -11.84
CA ILE B 371 -10.08 -18.01 -11.91
C ILE B 371 -11.16 -19.05 -11.91
N MET B 372 -10.88 -20.15 -12.58
CA MET B 372 -11.74 -21.29 -12.49
C MET B 372 -10.96 -22.41 -11.83
N ILE B 373 -11.51 -22.94 -10.74
CA ILE B 373 -10.92 -24.10 -10.10
C ILE B 373 -11.80 -25.32 -10.35
N SER B 374 -11.23 -26.32 -11.00
CA SER B 374 -12.02 -27.48 -11.36
C SER B 374 -11.55 -28.70 -10.56
N PHE B 375 -12.50 -29.42 -9.97
CA PHE B 375 -12.23 -30.50 -9.04
C PHE B 375 -12.70 -31.83 -9.62
N GLN B 376 -11.96 -32.87 -9.34
CA GLN B 376 -12.42 -34.20 -9.65
C GLN B 376 -12.18 -35.13 -8.46
N SER B 377 -13.22 -35.85 -8.07
CA SER B 377 -13.13 -36.81 -6.99
C SER B 377 -12.25 -37.99 -7.40
N ARG B 378 -11.36 -38.41 -6.50
CA ARG B 378 -10.43 -39.47 -6.82
C ARG B 378 -11.03 -40.83 -6.52
N ASN B 379 -11.20 -41.65 -7.54
CA ASN B 379 -11.56 -43.04 -7.37
C ASN B 379 -10.31 -43.91 -7.40
N GLU B 384 -7.53 -40.45 -11.25
CA GLU B 384 -6.07 -40.45 -11.34
C GLU B 384 -5.45 -39.20 -10.72
N PRO B 385 -4.43 -39.42 -9.88
CA PRO B 385 -3.92 -38.50 -8.87
C PRO B 385 -2.93 -37.47 -9.37
N SER B 386 -2.63 -36.50 -8.51
CA SER B 386 -1.70 -35.42 -8.80
C SER B 386 -1.16 -34.88 -7.48
N GLY B 387 -0.26 -33.90 -7.56
CA GLY B 387 0.23 -33.24 -6.36
C GLY B 387 -0.67 -32.13 -5.84
N ASP B 388 -1.71 -31.80 -6.61
CA ASP B 388 -2.63 -30.73 -6.21
C ASP B 388 -4.02 -31.27 -5.88
N TYR B 389 -4.34 -31.36 -4.60
CA TYR B 389 -5.60 -31.96 -4.18
C TYR B 389 -6.04 -31.51 -2.79
N VAL B 390 -7.33 -31.64 -2.52
CA VAL B 390 -7.87 -31.35 -1.20
C VAL B 390 -8.63 -32.58 -0.67
N SER B 391 -8.76 -32.68 0.64
CA SER B 391 -9.36 -33.87 1.25
C SER B 391 -10.60 -33.56 2.06
N LEU B 392 -11.50 -34.53 2.12
CA LEU B 392 -12.72 -34.42 2.92
C LEU B 392 -12.76 -35.57 3.90
N LYS B 393 -12.48 -35.27 5.17
CA LYS B 393 -12.42 -36.29 6.21
C LYS B 393 -13.73 -37.05 6.39
N PRO B 394 -14.85 -36.31 6.49
CA PRO B 394 -16.11 -36.98 6.83
C PRO B 394 -16.43 -38.12 5.87
N THR B 395 -16.02 -37.99 4.61
CA THR B 395 -16.30 -39.01 3.62
C THR B 395 -15.02 -39.73 3.18
N ASN B 396 -13.88 -39.31 3.71
CA ASN B 396 -12.58 -39.78 3.25
C ASN B 396 -12.41 -39.70 1.74
N GLN B 397 -12.82 -38.57 1.18
CA GLN B 397 -12.68 -38.36 -0.25
C GLN B 397 -11.45 -37.52 -0.52
N THR B 398 -10.84 -37.75 -1.67
CA THR B 398 -9.78 -36.89 -2.15
C THR B 398 -10.21 -36.27 -3.48
N PHE B 399 -9.96 -34.98 -3.64
CA PHE B 399 -10.30 -34.27 -4.86
C PHE B 399 -9.05 -33.60 -5.41
N ASP B 400 -8.61 -34.01 -6.61
CA ASP B 400 -7.60 -33.26 -7.32
C ASP B 400 -8.19 -31.98 -7.91
N TYR B 401 -7.43 -30.90 -7.93
CA TYR B 401 -7.93 -29.67 -8.55
C TYR B 401 -6.93 -29.08 -9.56
N LYS B 402 -7.46 -28.32 -10.51
CA LYS B 402 -6.68 -27.53 -11.43
C LYS B 402 -7.23 -26.12 -11.40
N VAL B 403 -6.35 -25.13 -11.48
CA VAL B 403 -6.73 -23.72 -11.47
C VAL B 403 -6.32 -23.06 -12.78
N HIS B 404 -7.22 -22.30 -13.38
CA HIS B 404 -6.88 -21.53 -14.57
C HIS B 404 -7.42 -20.11 -14.48
N PHE B 405 -6.58 -19.13 -14.81
CA PHE B 405 -7.03 -17.75 -14.98
C PHE B 405 -7.81 -17.66 -16.27
N ILE B 406 -8.85 -16.84 -16.28
CA ILE B 406 -9.55 -16.56 -17.52
C ILE B 406 -9.79 -15.07 -17.63
N ASP B 407 -10.13 -14.64 -18.84
CA ASP B 407 -10.55 -13.29 -19.05
C ASP B 407 -9.42 -12.34 -18.68
N LEU B 408 -8.31 -12.43 -19.41
CA LEU B 408 -7.21 -11.48 -19.26
C LEU B 408 -7.20 -10.51 -20.44
N SER B 409 -8.22 -9.67 -20.53
CA SER B 409 -8.39 -8.75 -21.66
C SER B 409 -7.56 -7.47 -21.56
N LEU B 410 -7.15 -6.97 -22.72
CA LEU B 410 -6.49 -5.67 -22.81
C LEU B 410 -7.49 -4.57 -22.53
N LYS B 411 -7.17 -3.66 -21.61
CA LYS B 411 -8.07 -2.56 -21.30
C LYS B 411 -7.73 -1.32 -22.12
N PRO B 412 -8.74 -0.76 -22.80
CA PRO B 412 -8.54 0.40 -23.67
C PRO B 412 -7.97 1.59 -22.90
N LEU B 413 -6.95 2.23 -23.47
CA LEU B 413 -6.31 3.38 -22.85
C LEU B 413 -7.30 4.50 -22.56
N LYS B 414 -8.25 4.67 -23.48
CA LYS B 414 -9.21 5.76 -23.36
C LYS B 414 -9.99 5.65 -22.06
N ARG B 415 -10.07 4.45 -21.52
CA ARG B 415 -10.91 4.23 -20.34
C ARG B 415 -10.35 4.94 -19.10
N MET B 416 -9.08 5.33 -19.13
CA MET B 416 -8.51 6.09 -18.01
C MET B 416 -9.43 7.21 -17.56
N GLU B 417 -9.89 8.03 -18.51
CA GLU B 417 -10.80 9.13 -18.21
C GLU B 417 -12.01 8.58 -17.47
N SER B 418 -12.54 7.50 -18.00
CA SER B 418 -13.75 6.90 -17.46
C SER B 418 -13.50 6.24 -16.10
N TYR B 419 -12.30 5.69 -15.89
CA TYR B 419 -11.95 5.13 -14.60
C TYR B 419 -11.99 6.19 -13.52
N TYR B 420 -11.45 7.35 -13.84
CA TYR B 420 -11.34 8.45 -12.90
C TYR B 420 -12.70 8.89 -12.42
N LYS B 421 -13.61 9.09 -13.37
CA LYS B 421 -14.96 9.55 -13.08
C LYS B 421 -15.73 8.56 -12.23
N LEU B 422 -15.59 7.28 -12.53
CA LEU B 422 -16.25 6.24 -11.76
C LEU B 422 -15.74 6.22 -10.32
N ASP B 423 -14.42 6.33 -10.17
CA ASP B 423 -13.81 6.44 -8.85
C ASP B 423 -14.39 7.62 -8.07
N LYS B 424 -14.38 8.79 -8.70
CA LYS B 424 -14.95 9.98 -8.06
C LYS B 424 -16.36 9.66 -7.58
N LYS B 425 -17.17 9.12 -8.49
CA LYS B 425 -18.55 8.74 -8.21
C LYS B 425 -18.70 7.75 -7.05
N ILE B 426 -17.83 6.74 -7.00
CA ILE B 426 -17.91 5.73 -5.94
C ILE B 426 -17.63 6.34 -4.55
N ILE B 427 -16.51 7.05 -4.43
CA ILE B 427 -16.14 7.61 -3.13
C ILE B 427 -17.09 8.73 -2.68
N SER B 428 -17.51 9.57 -3.63
CA SER B 428 -18.45 10.65 -3.32
C SER B 428 -19.69 10.08 -2.65
N PHE B 429 -20.33 9.13 -3.34
CA PHE B 429 -21.56 8.52 -2.83
C PHE B 429 -21.32 7.80 -1.51
N TYR B 430 -20.20 7.09 -1.40
CA TYR B 430 -19.89 6.38 -0.16
C TYR B 430 -19.74 7.37 0.98
N ASN B 431 -18.98 8.42 0.76
CA ASN B 431 -18.84 9.48 1.74
C ASN B 431 -20.19 9.99 2.21
N ARG B 432 -21.04 10.34 1.25
CA ARG B 432 -22.35 10.90 1.57
C ARG B 432 -23.16 9.99 2.51
N LYS B 433 -23.22 8.71 2.18
CA LYS B 433 -24.00 7.76 2.99
C LYS B 433 -23.36 7.49 4.33
N GLN B 434 -22.05 7.68 4.43
CA GLN B 434 -21.36 7.54 5.70
C GLN B 434 -21.86 8.61 6.66
N LYS B 435 -22.39 9.69 6.09
CA LYS B 435 -23.01 10.75 6.87
C LYS B 435 -24.50 10.50 6.96
N ALA B 436 -24.88 9.23 6.92
CA ALA B 436 -26.29 8.84 7.02
C ALA B 436 -26.67 8.70 8.49
N GLU B 437 -25.69 8.34 9.31
CA GLU B 437 -25.86 8.25 10.75
C GLU B 437 -24.61 8.79 11.46
N ASN B 438 -23.67 9.31 10.68
CA ASN B 438 -22.44 9.89 11.22
C ASN B 438 -22.35 11.38 10.92
#